data_4ESO
#
_entry.id   4ESO
#
_cell.length_a   62.960
_cell.length_b   66.740
_cell.length_c   70.540
_cell.angle_alpha   66.50
_cell.angle_beta   78.30
_cell.angle_gamma   62.96
#
_symmetry.space_group_name_H-M   'P 1'
#
loop_
_entity.id
_entity.type
_entity.pdbx_description
1 polymer 'Putative oxidoreductase'
2 non-polymer 'NADP NICOTINAMIDE-ADENINE-DINUCLEOTIDE PHOSPHATE'
3 non-polymer GLYCEROL
4 water water
#
_entity_poly.entity_id   1
_entity_poly.type   'polypeptide(L)'
_entity_poly.pdbx_seq_one_letter_code
;(MSE)V(MSE)GNYQGKKAIVIGGTHG(MSE)GLATVRRLVEGGAEVLLTGRNESNIARIREEFGPRVHALRSDIADLNE
IAVLGAAAGQTLGAIDLLHINAGVSELEPFDQVSEASYDRQFAVNTKGAFFTVQRLTPLIREGGSIVFTSSVADEGGHPG
(MSE)SVYSASKAALVSFASVLAAELLPRGIRVNSVSPGFIDTPTKGVAGITEAERAEFKTLGDNITP(MSE)KRNGTAD
EVARAVLFLAFEATFTTGAKLAVDGGLGQKLSTAA
;
_entity_poly.pdbx_strand_id   A,B,C,D
#
loop_
_chem_comp.id
_chem_comp.type
_chem_comp.name
_chem_comp.formula
GOL non-polymer GLYCEROL 'C3 H8 O3'
NAP non-polymer 'NADP NICOTINAMIDE-ADENINE-DINUCLEOTIDE PHOSPHATE' 'C21 H28 N7 O17 P3'
#
# COMPACT_ATOMS: atom_id res chain seq x y z
N GLY A 4 4.04 -19.07 31.97
CA GLY A 4 3.31 -18.05 32.71
C GLY A 4 2.88 -16.88 31.85
N ASN A 5 3.47 -16.76 30.66
CA ASN A 5 3.18 -15.70 29.69
CA ASN A 5 3.18 -15.70 29.69
CA ASN A 5 3.09 -15.60 29.88
C ASN A 5 1.75 -15.76 29.17
N TYR A 6 1.26 -16.99 29.00
CA TYR A 6 -0.09 -17.20 28.51
C TYR A 6 -0.92 -17.93 29.56
N GLN A 7 -0.54 -17.78 30.82
CA GLN A 7 -1.26 -18.44 31.90
C GLN A 7 -2.69 -17.91 31.99
N GLY A 8 -3.65 -18.84 31.96
CA GLY A 8 -5.06 -18.48 32.09
C GLY A 8 -5.72 -18.08 30.78
N LYS A 9 -4.94 -18.03 29.71
CA LYS A 9 -5.48 -17.69 28.40
C LYS A 9 -6.05 -18.93 27.74
N LYS A 10 -7.00 -18.72 26.84
CA LYS A 10 -7.59 -19.78 26.04
C LYS A 10 -7.54 -19.40 24.56
N ALA A 11 -7.13 -20.35 23.73
CA ALA A 11 -7.01 -20.07 22.29
C ALA A 11 -7.60 -21.18 21.44
N ILE A 12 -8.13 -20.78 20.29
CA ILE A 12 -8.52 -21.72 19.26
C ILE A 12 -7.59 -21.49 18.08
N VAL A 13 -6.88 -22.52 17.65
CA VAL A 13 -6.14 -22.46 16.40
C VAL A 13 -6.89 -23.29 15.35
N ILE A 14 -7.34 -22.63 14.30
CA ILE A 14 -8.06 -23.32 13.21
C ILE A 14 -7.00 -23.73 12.19
N GLY A 15 -6.74 -25.03 12.07
CA GLY A 15 -5.61 -25.49 11.28
C GLY A 15 -4.30 -25.52 12.06
N GLY A 16 -4.27 -26.23 13.18
CA GLY A 16 -3.04 -26.31 13.97
C GLY A 16 -2.46 -27.69 14.10
N THR A 17 -2.72 -28.55 13.12
CA THR A 17 -2.29 -29.95 13.23
C THR A 17 -0.86 -30.17 12.73
N HIS A 18 -0.35 -29.24 11.95
CA HIS A 18 1.03 -29.31 11.48
C HIS A 18 1.45 -27.95 10.94
N GLY A 19 2.70 -27.83 10.51
CA GLY A 19 3.20 -26.58 9.94
C GLY A 19 3.19 -25.43 10.92
N MSE A 20 2.98 -24.22 10.44
CA MSE A 20 3.04 -23.06 11.33
C MSE A 20 1.89 -23.04 12.34
O MSE A 20 2.04 -22.48 13.44
CB MSE A 20 3.15 -21.75 10.53
CG MSE A 20 2.13 -21.52 9.47
SE MSE A 20 2.70 -20.13 8.15
CE MSE A 20 3.52 -21.41 6.90
N GLY A 21 0.75 -23.64 12.00
CA GLY A 21 -0.34 -23.76 12.93
C GLY A 21 0.09 -24.53 14.16
N LEU A 22 0.78 -25.65 13.93
CA LEU A 22 1.30 -26.45 15.02
C LEU A 22 2.39 -25.72 15.81
N ALA A 23 3.18 -24.88 15.14
CA ALA A 23 4.25 -24.15 15.83
C ALA A 23 3.62 -23.15 16.80
N THR A 24 2.47 -22.63 16.40
CA THR A 24 1.73 -21.66 17.22
C THR A 24 1.13 -22.38 18.44
N VAL A 25 0.45 -23.50 18.21
CA VAL A 25 -0.04 -24.36 19.29
C VAL A 25 1.02 -24.68 20.33
N ARG A 26 2.17 -25.17 19.87
CA ARG A 26 3.27 -25.53 20.76
C ARG A 26 3.74 -24.36 21.61
N ARG A 27 3.82 -23.17 21.03
CA ARG A 27 4.19 -21.96 21.76
C ARG A 27 3.09 -21.59 22.76
N LEU A 28 1.84 -21.77 22.36
CA LEU A 28 0.72 -21.50 23.26
C LEU A 28 0.79 -22.41 24.49
N VAL A 29 0.98 -23.70 24.27
CA VAL A 29 1.05 -24.67 25.36
C VAL A 29 2.27 -24.51 26.27
N GLU A 30 3.43 -24.16 25.72
CA GLU A 30 4.58 -23.88 26.59
C GLU A 30 4.33 -22.69 27.53
N GLY A 31 3.52 -21.74 27.08
CA GLY A 31 3.23 -20.55 27.86
C GLY A 31 2.07 -20.68 28.83
N GLY A 32 1.48 -21.86 28.90
CA GLY A 32 0.43 -22.15 29.87
C GLY A 32 -0.99 -21.95 29.36
N ALA A 33 -1.14 -21.71 28.06
CA ALA A 33 -2.48 -21.51 27.50
C ALA A 33 -3.27 -22.81 27.42
N GLU A 34 -4.60 -22.71 27.43
CA GLU A 34 -5.44 -23.87 27.13
C GLU A 34 -5.84 -23.75 25.66
N VAL A 35 -5.61 -24.80 24.87
CA VAL A 35 -5.78 -24.71 23.42
C VAL A 35 -6.72 -25.75 22.83
N LEU A 36 -7.59 -25.31 21.93
CA LEU A 36 -8.40 -26.19 21.10
C LEU A 36 -7.89 -25.99 19.68
N LEU A 37 -7.57 -27.06 18.96
CA LEU A 37 -7.11 -26.92 17.57
C LEU A 37 -7.91 -27.83 16.66
N THR A 38 -7.96 -27.48 15.37
CA THR A 38 -8.67 -28.26 14.36
C THR A 38 -7.82 -28.59 13.16
N GLY A 39 -8.28 -29.59 12.40
CA GLY A 39 -7.68 -29.97 11.14
C GLY A 39 -8.68 -30.89 10.46
N ARG A 40 -8.45 -31.24 9.19
CA ARG A 40 -9.39 -32.08 8.44
C ARG A 40 -8.92 -33.54 8.47
N ASN A 41 -7.60 -33.69 8.54
CA ASN A 41 -6.95 -35.00 8.51
C ASN A 41 -7.06 -35.71 9.85
N GLU A 42 -7.88 -36.76 9.92
CA GLU A 42 -8.07 -37.46 11.18
C GLU A 42 -6.79 -38.14 11.65
N SER A 43 -5.95 -38.56 10.72
CA SER A 43 -4.69 -39.17 11.11
C SER A 43 -3.76 -38.15 11.78
N ASN A 44 -3.69 -36.94 11.23
CA ASN A 44 -2.95 -35.85 11.86
C ASN A 44 -3.49 -35.49 13.25
N ILE A 45 -4.80 -35.59 13.42
CA ILE A 45 -5.42 -35.35 14.71
C ILE A 45 -4.99 -36.42 15.72
N ALA A 46 -4.94 -37.68 15.28
CA ALA A 46 -4.46 -38.78 16.13
C ALA A 46 -3.03 -38.52 16.59
N ARG A 47 -2.20 -37.99 15.69
CA ARG A 47 -0.81 -37.67 16.00
C ARG A 47 -0.68 -36.53 17.00
N ILE A 48 -1.61 -35.58 16.94
CA ILE A 48 -1.67 -34.47 17.91
C ILE A 48 -1.97 -35.01 19.32
N ARG A 49 -2.92 -35.94 19.41
CA ARG A 49 -3.27 -36.52 20.72
C ARG A 49 -2.16 -37.41 21.27
N GLU A 50 -1.37 -37.98 20.37
CA GLU A 50 -0.21 -38.78 20.75
C GLU A 50 0.84 -37.88 21.41
N GLU A 51 1.04 -36.70 20.84
CA GLU A 51 2.03 -35.73 21.35
C GLU A 51 1.62 -35.04 22.63
N PHE A 52 0.42 -34.48 22.65
CA PHE A 52 0.03 -33.60 23.74
C PHE A 52 -0.81 -34.31 24.79
N GLY A 53 -1.47 -35.38 24.38
CA GLY A 53 -2.38 -36.06 25.28
C GLY A 53 -3.52 -35.09 25.50
N PRO A 54 -4.08 -35.09 26.72
CA PRO A 54 -5.19 -34.16 27.02
C PRO A 54 -4.87 -32.71 27.40
N ARG A 55 -3.60 -32.30 27.42
CA ARG A 55 -3.31 -30.88 27.67
C ARG A 55 -3.81 -29.97 26.53
N VAL A 56 -4.22 -30.56 25.42
CA VAL A 56 -4.84 -29.79 24.34
C VAL A 56 -6.09 -30.50 23.79
N HIS A 57 -7.07 -29.72 23.37
CA HIS A 57 -8.27 -30.26 22.76
C HIS A 57 -8.13 -30.26 21.25
N ALA A 58 -8.28 -31.43 20.64
CA ALA A 58 -7.98 -31.56 19.22
C ALA A 58 -9.18 -32.18 18.50
N LEU A 59 -9.71 -31.48 17.51
CA LEU A 59 -10.93 -31.92 16.85
C LEU A 59 -10.80 -31.97 15.33
N ARG A 60 -11.20 -33.09 14.74
CA ARG A 60 -11.35 -33.15 13.29
C ARG A 60 -12.54 -32.27 12.94
N SER A 61 -12.32 -31.22 12.16
CA SER A 61 -13.38 -30.28 11.81
C SER A 61 -13.07 -29.62 10.47
N ASP A 62 -13.87 -29.95 9.47
CA ASP A 62 -13.67 -29.41 8.12
C ASP A 62 -14.10 -27.95 8.04
N ILE A 63 -13.15 -27.05 7.85
CA ILE A 63 -13.46 -25.61 7.77
C ILE A 63 -14.39 -25.29 6.59
N ALA A 64 -14.40 -26.14 5.58
CA ALA A 64 -15.21 -25.87 4.39
C ALA A 64 -16.71 -26.15 4.59
N ASP A 65 -17.04 -26.91 5.63
CA ASP A 65 -18.40 -27.40 5.84
C ASP A 65 -19.13 -26.57 6.90
N LEU A 66 -20.22 -25.91 6.53
CA LEU A 66 -20.89 -25.01 7.47
C LEU A 66 -21.57 -25.77 8.60
N ASN A 67 -22.03 -26.97 8.31
CA ASN A 67 -22.59 -27.85 9.33
C ASN A 67 -21.50 -28.16 10.36
N GLU A 68 -20.30 -28.44 9.89
CA GLU A 68 -19.22 -28.79 10.81
C GLU A 68 -18.80 -27.58 11.64
N ILE A 69 -18.88 -26.40 11.03
CA ILE A 69 -18.56 -25.16 11.71
C ILE A 69 -19.51 -24.94 12.88
N ALA A 70 -20.80 -25.17 12.63
CA ALA A 70 -21.82 -25.05 13.66
C ALA A 70 -21.53 -26.01 14.81
N VAL A 71 -21.13 -27.24 14.47
CA VAL A 71 -20.78 -28.23 15.49
C VAL A 71 -19.58 -27.75 16.32
N LEU A 72 -18.56 -27.29 15.62
CA LEU A 72 -17.36 -26.78 16.28
C LEU A 72 -17.68 -25.63 17.22
N GLY A 73 -18.62 -24.79 16.80
CA GLY A 73 -19.03 -23.65 17.62
C GLY A 73 -19.60 -24.11 18.93
N ALA A 74 -20.40 -25.17 18.90
CA ALA A 74 -20.96 -25.73 20.13
C ALA A 74 -19.88 -26.37 20.97
N ALA A 75 -18.96 -27.07 20.32
CA ALA A 75 -17.94 -27.80 21.05
C ALA A 75 -16.98 -26.82 21.72
N ALA A 76 -16.61 -25.76 21.00
CA ALA A 76 -15.74 -24.71 21.56
C ALA A 76 -16.37 -24.08 22.79
N GLY A 77 -17.65 -23.74 22.68
CA GLY A 77 -18.39 -23.19 23.80
C GLY A 77 -18.36 -24.09 25.01
N GLN A 78 -18.64 -25.37 24.79
CA GLN A 78 -18.68 -26.32 25.91
C GLN A 78 -17.30 -26.50 26.55
N THR A 79 -16.27 -26.52 25.72
CA THR A 79 -14.92 -26.87 26.16
C THR A 79 -14.13 -25.70 26.76
N LEU A 80 -14.17 -24.55 26.10
CA LEU A 80 -13.37 -23.42 26.54
C LEU A 80 -14.23 -22.35 27.22
N GLY A 81 -15.49 -22.23 26.82
CA GLY A 81 -16.36 -21.21 27.36
C GLY A 81 -16.19 -19.85 26.68
N ALA A 82 -15.00 -19.26 26.83
CA ALA A 82 -14.68 -17.99 26.20
C ALA A 82 -13.19 -18.02 25.91
N ILE A 83 -12.76 -17.27 24.89
CA ILE A 83 -11.37 -17.33 24.45
C ILE A 83 -10.73 -15.94 24.26
N ASP A 84 -9.41 -15.89 24.24
CA ASP A 84 -8.72 -14.61 24.12
C ASP A 84 -8.09 -14.50 22.75
N LEU A 85 -7.92 -15.63 22.08
CA LEU A 85 -7.34 -15.66 20.73
C LEU A 85 -8.05 -16.65 19.80
N LEU A 86 -8.38 -16.17 18.62
CA LEU A 86 -8.86 -17.01 17.53
C LEU A 86 -7.86 -16.88 16.40
N HIS A 87 -7.15 -17.96 16.11
CA HIS A 87 -6.17 -17.93 15.03
C HIS A 87 -6.66 -18.73 13.82
N ILE A 88 -6.98 -18.02 12.74
CA ILE A 88 -7.39 -18.66 11.50
C ILE A 88 -6.18 -18.97 10.62
N ASN A 89 -5.75 -20.22 10.63
CA ASN A 89 -4.53 -20.58 9.92
C ASN A 89 -4.73 -21.52 8.72
N ALA A 90 -5.82 -22.30 8.76
CA ALA A 90 -6.09 -23.29 7.73
C ALA A 90 -6.03 -22.71 6.32
N GLY A 91 -5.52 -23.50 5.39
CA GLY A 91 -5.43 -23.06 4.01
C GLY A 91 -5.13 -24.22 3.10
N VAL A 92 -5.45 -24.03 1.82
CA VAL A 92 -4.99 -24.94 0.78
C VAL A 92 -4.59 -24.09 -0.43
N SER A 93 -3.75 -24.65 -1.28
CA SER A 93 -3.32 -24.00 -2.51
C SER A 93 -3.23 -25.08 -3.59
N GLU A 94 -3.60 -24.73 -4.81
CA GLU A 94 -3.43 -25.60 -5.97
C GLU A 94 -2.86 -24.73 -7.07
N LEU A 95 -1.66 -25.09 -7.53
CA LEU A 95 -0.92 -24.28 -8.50
C LEU A 95 -1.33 -24.65 -9.91
N GLU A 96 -1.92 -23.68 -10.60
CA GLU A 96 -2.43 -23.88 -11.95
C GLU A 96 -2.32 -22.59 -12.73
N PRO A 97 -1.84 -22.68 -13.98
CA PRO A 97 -1.96 -21.51 -14.87
C PRO A 97 -3.43 -21.07 -14.91
N PHE A 98 -3.66 -19.78 -15.05
CA PHE A 98 -5.00 -19.23 -15.00
C PHE A 98 -5.95 -19.90 -16.03
N ASP A 99 -5.42 -20.17 -17.22
CA ASP A 99 -6.22 -20.77 -18.29
C ASP A 99 -6.54 -22.24 -18.04
N GLN A 100 -6.08 -22.78 -16.93
CA GLN A 100 -6.34 -24.18 -16.63
C GLN A 100 -7.14 -24.37 -15.36
N VAL A 101 -7.50 -23.26 -14.72
CA VAL A 101 -8.29 -23.34 -13.48
C VAL A 101 -9.67 -23.91 -13.79
N SER A 102 -10.07 -24.97 -13.09
CA SER A 102 -11.41 -25.51 -13.31
C SER A 102 -12.33 -24.99 -12.22
N GLU A 103 -13.65 -25.09 -12.44
CA GLU A 103 -14.60 -24.63 -11.44
C GLU A 103 -14.36 -25.39 -10.12
N ALA A 104 -14.10 -26.68 -10.22
CA ALA A 104 -13.85 -27.49 -9.02
C ALA A 104 -12.62 -27.03 -8.23
N SER A 105 -11.52 -26.73 -8.91
CA SER A 105 -10.30 -26.31 -8.20
C SER A 105 -10.44 -24.92 -7.58
N TYR A 106 -11.12 -24.03 -8.30
CA TYR A 106 -11.42 -22.69 -7.82
C TYR A 106 -12.27 -22.77 -6.54
N ASP A 107 -13.36 -23.52 -6.62
CA ASP A 107 -14.27 -23.71 -5.50
C ASP A 107 -13.58 -24.27 -4.24
N ARG A 108 -12.69 -25.25 -4.42
CA ARG A 108 -12.03 -25.89 -3.29
C ARG A 108 -11.17 -24.92 -2.51
N GLN A 109 -10.55 -24.00 -3.22
CA GLN A 109 -9.61 -23.08 -2.60
C GLN A 109 -10.33 -21.94 -1.92
N PHE A 110 -11.34 -21.39 -2.58
CA PHE A 110 -12.14 -20.37 -1.91
C PHE A 110 -12.98 -20.94 -0.75
N ALA A 111 -13.43 -22.18 -0.87
CA ALA A 111 -14.22 -22.83 0.20
C ALA A 111 -13.47 -22.91 1.53
N VAL A 112 -12.18 -23.26 1.47
CA VAL A 112 -11.35 -23.32 2.67
C VAL A 112 -10.80 -21.95 3.07
N ASN A 113 -10.27 -21.22 2.10
CA ASN A 113 -9.46 -20.04 2.40
C ASN A 113 -10.25 -18.78 2.76
N THR A 114 -11.49 -18.73 2.33
CA THR A 114 -12.21 -17.48 2.34
C THR A 114 -13.55 -17.66 3.00
N LYS A 115 -14.40 -18.48 2.40
CA LYS A 115 -15.73 -18.71 2.90
C LYS A 115 -15.70 -19.44 4.25
N GLY A 116 -14.92 -20.52 4.33
CA GLY A 116 -14.82 -21.30 5.56
C GLY A 116 -14.27 -20.44 6.68
N ALA A 117 -13.30 -19.59 6.33
CA ALA A 117 -12.66 -18.71 7.29
C ALA A 117 -13.69 -17.72 7.83
N PHE A 118 -14.49 -17.18 6.93
CA PHE A 118 -15.53 -16.22 7.26
C PHE A 118 -16.58 -16.77 8.22
N PHE A 119 -17.12 -17.94 7.91
CA PHE A 119 -18.20 -18.48 8.72
C PHE A 119 -17.72 -19.09 10.02
N THR A 120 -16.46 -19.52 10.02
CA THR A 120 -15.83 -19.94 11.27
C THR A 120 -15.69 -18.75 12.22
N VAL A 121 -15.16 -17.65 11.71
CA VAL A 121 -15.06 -16.43 12.50
C VAL A 121 -16.43 -15.97 12.95
N GLN A 122 -17.40 -15.98 12.02
CA GLN A 122 -18.77 -15.60 12.37
C GLN A 122 -19.34 -16.45 13.51
N ARG A 123 -19.04 -17.74 13.50
CA ARG A 123 -19.63 -18.65 14.50
C ARG A 123 -18.93 -18.57 15.86
N LEU A 124 -17.67 -18.19 15.85
CA LEU A 124 -16.83 -18.24 17.07
C LEU A 124 -16.57 -16.89 17.72
N THR A 125 -16.73 -15.80 16.96
CA THR A 125 -16.59 -14.46 17.51
C THR A 125 -17.34 -14.20 18.85
N PRO A 126 -18.58 -14.75 19.00
CA PRO A 126 -19.27 -14.55 20.28
C PRO A 126 -18.51 -15.07 21.49
N LEU A 127 -17.57 -15.99 21.28
CA LEU A 127 -16.80 -16.56 22.38
C LEU A 127 -15.62 -15.67 22.79
N ILE A 128 -15.19 -14.78 21.90
CA ILE A 128 -14.00 -13.96 22.18
C ILE A 128 -14.36 -12.91 23.21
N ARG A 129 -13.57 -12.82 24.26
CA ARG A 129 -13.87 -11.86 25.32
C ARG A 129 -13.11 -10.56 25.15
N GLU A 130 -13.52 -9.60 25.97
CA GLU A 130 -12.85 -8.31 26.16
C GLU A 130 -11.32 -8.37 26.08
N GLY A 131 -10.73 -7.57 25.18
CA GLY A 131 -9.28 -7.49 25.08
C GLY A 131 -8.64 -8.65 24.34
N GLY A 132 -9.45 -9.51 23.75
CA GLY A 132 -8.91 -10.63 22.99
C GLY A 132 -8.68 -10.17 21.56
N SER A 133 -8.31 -11.10 20.68
CA SER A 133 -8.11 -10.76 19.28
C SER A 133 -8.28 -11.95 18.33
N ILE A 134 -8.31 -11.63 17.05
CA ILE A 134 -8.31 -12.60 15.99
C ILE A 134 -7.07 -12.33 15.16
N VAL A 135 -6.34 -13.39 14.80
CA VAL A 135 -5.22 -13.28 13.87
C VAL A 135 -5.44 -14.21 12.68
N PHE A 136 -5.33 -13.67 11.48
CA PHE A 136 -5.43 -14.45 10.25
C PHE A 136 -4.03 -14.74 9.69
N THR A 137 -3.82 -15.94 9.17
CA THR A 137 -2.58 -16.22 8.42
C THR A 137 -2.86 -15.98 6.94
N SER A 138 -2.30 -14.91 6.39
CA SER A 138 -2.48 -14.65 4.96
C SER A 138 -1.29 -15.21 4.21
N SER A 139 -0.71 -14.41 3.33
CA SER A 139 0.40 -14.84 2.52
C SER A 139 1.01 -13.63 1.83
N VAL A 140 2.29 -13.71 1.48
CA VAL A 140 2.92 -12.66 0.68
C VAL A 140 2.22 -12.55 -0.70
N ALA A 141 1.44 -13.57 -1.06
CA ALA A 141 0.75 -13.59 -2.34
C ALA A 141 -0.51 -12.75 -2.36
N ASP A 142 -0.92 -12.26 -1.20
CA ASP A 142 -2.15 -11.48 -1.12
C ASP A 142 -1.99 -10.08 -1.78
N GLU A 143 -0.77 -9.76 -2.22
CA GLU A 143 -0.53 -8.54 -3.01
C GLU A 143 0.38 -8.90 -4.17
N GLY A 144 0.09 -8.37 -5.34
CA GLY A 144 0.99 -8.56 -6.46
C GLY A 144 0.61 -9.79 -7.26
N GLY A 145 1.39 -10.06 -8.31
CA GLY A 145 1.03 -11.04 -9.31
C GLY A 145 2.02 -12.17 -9.46
N HIS A 146 1.57 -13.36 -9.10
CA HIS A 146 2.39 -14.55 -9.03
CA HIS A 146 2.42 -14.54 -9.10
C HIS A 146 1.79 -15.65 -9.89
N PRO A 147 2.33 -15.89 -11.10
CA PRO A 147 1.78 -16.87 -12.04
C PRO A 147 1.56 -18.25 -11.40
N GLY A 148 0.44 -18.89 -11.69
CA GLY A 148 0.18 -20.22 -11.18
C GLY A 148 -0.62 -20.14 -9.91
N MSE A 149 -0.78 -18.93 -9.39
CA MSE A 149 -1.40 -18.72 -8.08
C MSE A 149 -2.57 -17.76 -8.10
O MSE A 149 -2.84 -17.10 -7.11
CB MSE A 149 -0.34 -18.21 -7.10
CG MSE A 149 0.82 -19.15 -6.83
SE MSE A 149 2.02 -18.46 -5.44
CE MSE A 149 0.71 -18.22 -4.05
N SER A 150 -3.27 -17.67 -9.24
CA SER A 150 -4.38 -16.72 -9.36
C SER A 150 -5.47 -16.97 -8.32
N VAL A 151 -5.85 -18.23 -8.15
CA VAL A 151 -6.91 -18.53 -7.20
C VAL A 151 -6.50 -18.31 -5.76
N TYR A 152 -5.35 -18.89 -5.39
CA TYR A 152 -4.86 -18.79 -4.01
C TYR A 152 -4.65 -17.35 -3.60
N SER A 153 -4.01 -16.57 -4.49
CA SER A 153 -3.71 -15.18 -4.14
C SER A 153 -4.96 -14.37 -3.92
N ALA A 154 -5.95 -14.54 -4.79
CA ALA A 154 -7.22 -13.83 -4.66
C ALA A 154 -7.94 -14.27 -3.39
N SER A 155 -7.81 -15.55 -3.03
CA SER A 155 -8.52 -16.06 -1.86
C SER A 155 -7.92 -15.47 -0.57
N LYS A 156 -6.60 -15.34 -0.53
CA LYS A 156 -5.94 -14.67 0.58
C LYS A 156 -6.15 -13.16 0.57
N ALA A 157 -6.19 -12.55 -0.62
CA ALA A 157 -6.47 -11.11 -0.71
C ALA A 157 -7.84 -10.82 -0.11
N ALA A 158 -8.78 -11.74 -0.33
CA ALA A 158 -10.12 -11.62 0.23
C ALA A 158 -10.09 -11.71 1.74
N LEU A 159 -9.30 -12.66 2.25
CA LEU A 159 -9.15 -12.86 3.70
C LEU A 159 -8.65 -11.59 4.40
N VAL A 160 -7.70 -10.91 3.79
CA VAL A 160 -7.13 -9.67 4.32
C VAL A 160 -8.16 -8.54 4.39
N SER A 161 -9.03 -8.47 3.39
CA SER A 161 -10.13 -7.51 3.44
C SER A 161 -11.09 -7.81 4.59
N PHE A 162 -11.38 -9.09 4.82
CA PHE A 162 -12.27 -9.51 5.90
C PHE A 162 -11.70 -9.02 7.23
N ALA A 163 -10.39 -9.20 7.37
CA ALA A 163 -9.70 -8.77 8.58
C ALA A 163 -9.91 -7.28 8.82
N SER A 164 -9.83 -6.49 7.77
CA SER A 164 -10.06 -5.04 7.89
C SER A 164 -11.45 -4.69 8.37
N VAL A 165 -12.47 -5.23 7.71
CA VAL A 165 -13.85 -4.96 8.07
C VAL A 165 -14.13 -5.45 9.47
N LEU A 166 -13.63 -6.63 9.81
CA LEU A 166 -13.81 -7.17 11.16
C LEU A 166 -13.13 -6.29 12.20
N ALA A 167 -11.95 -5.78 11.89
CA ALA A 167 -11.27 -4.89 12.83
C ALA A 167 -12.14 -3.67 13.09
N ALA A 168 -12.80 -3.17 12.04
CA ALA A 168 -13.68 -2.02 12.22
C ALA A 168 -14.97 -2.40 12.95
N GLU A 169 -15.58 -3.52 12.59
CA GLU A 169 -16.87 -3.88 13.20
C GLU A 169 -16.69 -4.37 14.64
N LEU A 170 -15.52 -4.89 14.97
CA LEU A 170 -15.31 -5.41 16.32
C LEU A 170 -14.74 -4.39 17.31
N LEU A 171 -14.49 -3.15 16.86
CA LEU A 171 -14.01 -2.08 17.74
C LEU A 171 -14.82 -1.93 19.06
N PRO A 172 -16.16 -1.85 18.99
CA PRO A 172 -16.87 -1.60 20.24
C PRO A 172 -16.83 -2.79 21.21
N ARG A 173 -16.38 -3.94 20.74
CA ARG A 173 -16.25 -5.10 21.63
C ARG A 173 -14.83 -5.21 22.19
N GLY A 174 -14.00 -4.22 21.84
CA GLY A 174 -12.61 -4.21 22.25
C GLY A 174 -11.89 -5.45 21.77
N ILE A 175 -12.12 -5.85 20.52
CA ILE A 175 -11.44 -6.99 19.96
C ILE A 175 -10.59 -6.57 18.77
N ARG A 176 -9.29 -6.89 18.81
CA ARG A 176 -8.39 -6.49 17.75
C ARG A 176 -8.33 -7.58 16.67
N VAL A 177 -8.01 -7.21 15.44
CA VAL A 177 -7.95 -8.16 14.34
C VAL A 177 -6.80 -7.78 13.44
N ASN A 178 -5.92 -8.73 13.19
CA ASN A 178 -4.69 -8.47 12.44
C ASN A 178 -4.33 -9.70 11.62
N SER A 179 -3.42 -9.52 10.67
CA SER A 179 -2.95 -10.63 9.86
C SER A 179 -1.43 -10.75 9.86
N VAL A 180 -0.98 -11.98 9.63
CA VAL A 180 0.42 -12.23 9.40
C VAL A 180 0.55 -12.66 7.93
N SER A 181 1.66 -12.27 7.28
CA SER A 181 1.86 -12.57 5.87
CA SER A 181 1.86 -12.55 5.86
C SER A 181 3.17 -13.29 5.58
N PRO A 182 3.18 -14.63 5.65
CA PRO A 182 4.41 -15.32 5.22
C PRO A 182 4.43 -15.30 3.69
N GLY A 183 5.53 -15.40 2.97
CA GLY A 183 6.83 -15.83 3.40
C GLY A 183 6.94 -17.22 2.81
N PHE A 184 8.00 -17.56 2.11
CA PHE A 184 8.27 -18.98 1.87
C PHE A 184 8.64 -19.54 3.23
N ILE A 185 7.81 -20.44 3.75
CA ILE A 185 8.08 -21.02 5.06
C ILE A 185 8.33 -22.52 4.94
N ASP A 186 9.36 -23.00 5.64
CA ASP A 186 9.67 -24.43 5.62
C ASP A 186 8.69 -25.24 6.47
N THR A 187 7.61 -25.71 5.86
CA THR A 187 6.61 -26.59 6.50
C THR A 187 6.53 -27.88 5.71
N PRO A 188 5.96 -28.95 6.31
CA PRO A 188 5.88 -30.21 5.54
C PRO A 188 5.15 -30.12 4.19
N THR A 189 4.11 -29.30 4.08
CA THR A 189 3.38 -29.18 2.83
C THR A 189 3.85 -27.99 1.96
N LYS A 190 4.61 -27.07 2.56
CA LYS A 190 4.93 -25.77 1.93
C LYS A 190 3.65 -25.02 1.52
N GLY A 191 2.52 -25.39 2.12
CA GLY A 191 1.24 -24.75 1.84
C GLY A 191 0.53 -25.26 0.60
N VAL A 192 1.14 -26.24 -0.08
CA VAL A 192 0.57 -26.88 -1.27
C VAL A 192 0.55 -28.39 -1.04
N ALA A 193 -0.57 -28.91 -0.54
CA ALA A 193 -0.65 -30.30 -0.11
C ALA A 193 -0.67 -31.32 -1.25
N GLY A 194 -1.09 -30.88 -2.42
CA GLY A 194 -1.38 -31.81 -3.51
C GLY A 194 -0.24 -32.12 -4.48
N ILE A 195 0.90 -31.44 -4.35
CA ILE A 195 2.02 -31.72 -5.24
C ILE A 195 2.96 -32.81 -4.73
N THR A 196 3.85 -33.27 -5.61
CA THR A 196 4.88 -34.25 -5.30
C THR A 196 6.03 -33.60 -4.54
N GLU A 197 6.87 -34.41 -3.91
CA GLU A 197 7.98 -33.85 -3.14
C GLU A 197 9.08 -33.27 -4.03
N ALA A 198 9.14 -33.70 -5.27
CA ALA A 198 10.03 -33.08 -6.25
C ALA A 198 9.63 -31.61 -6.46
N GLU A 199 8.33 -31.38 -6.55
CA GLU A 199 7.82 -30.03 -6.79
C GLU A 199 7.89 -29.14 -5.55
N ARG A 200 7.83 -29.75 -4.36
CA ARG A 200 7.99 -28.99 -3.13
C ARG A 200 9.43 -28.55 -2.93
N ALA A 201 10.35 -29.48 -3.20
CA ALA A 201 11.78 -29.20 -3.15
C ALA A 201 12.15 -28.04 -4.08
N GLU A 202 11.58 -28.05 -5.30
CA GLU A 202 11.82 -26.96 -6.26
C GLU A 202 11.20 -25.66 -5.76
N PHE A 203 9.99 -25.78 -5.20
CA PHE A 203 9.30 -24.63 -4.64
C PHE A 203 10.15 -24.04 -3.51
N LYS A 204 10.76 -24.93 -2.75
CA LYS A 204 11.66 -24.58 -1.66
C LYS A 204 12.92 -23.88 -2.17
N THR A 205 13.47 -24.39 -3.26
CA THR A 205 14.68 -23.82 -3.87
C THR A 205 14.39 -22.45 -4.44
N LEU A 206 13.27 -22.35 -5.15
CA LEU A 206 12.78 -21.07 -5.66
C LEU A 206 12.73 -20.06 -4.53
N GLY A 207 12.20 -20.50 -3.39
CA GLY A 207 12.12 -19.68 -2.20
C GLY A 207 13.46 -19.13 -1.76
N ASP A 208 14.50 -19.97 -1.78
CA ASP A 208 15.82 -19.56 -1.36
C ASP A 208 16.47 -18.55 -2.32
N ASN A 209 16.03 -18.56 -3.57
CA ASN A 209 16.64 -17.71 -4.60
C ASN A 209 16.02 -16.32 -4.72
N ILE A 210 14.69 -16.26 -4.68
CA ILE A 210 13.99 -14.99 -4.87
C ILE A 210 13.78 -14.20 -3.58
N THR A 211 13.81 -14.89 -2.45
CA THR A 211 13.70 -14.22 -1.15
C THR A 211 14.97 -13.41 -0.89
N PRO A 212 14.81 -12.12 -0.60
CA PRO A 212 15.95 -11.24 -0.35
C PRO A 212 16.90 -11.76 0.75
N MSE A 213 16.36 -12.27 1.85
CA MSE A 213 17.21 -12.85 2.90
C MSE A 213 17.74 -14.23 2.52
O MSE A 213 18.48 -14.85 3.29
CB MSE A 213 16.47 -12.92 4.24
CG MSE A 213 16.43 -11.57 4.93
SE MSE A 213 15.37 -11.59 6.56
CE MSE A 213 16.53 -12.77 7.56
N LYS A 214 17.34 -14.68 1.34
CA LYS A 214 17.96 -15.85 0.70
C LYS A 214 17.80 -17.17 1.47
N ARG A 215 16.65 -17.33 2.12
CA ARG A 215 16.33 -18.58 2.80
C ARG A 215 14.82 -18.65 2.97
N ASN A 216 14.34 -19.84 3.31
CA ASN A 216 12.96 -20.01 3.74
C ASN A 216 12.86 -19.60 5.21
N GLY A 217 11.67 -19.19 5.65
CA GLY A 217 11.46 -18.90 7.06
C GLY A 217 11.14 -20.17 7.83
N THR A 218 11.18 -20.09 9.16
CA THR A 218 10.82 -21.22 10.01
C THR A 218 9.38 -21.09 10.51
N ALA A 219 8.76 -22.21 10.85
CA ALA A 219 7.41 -22.20 11.40
C ALA A 219 7.36 -21.39 12.71
N ASP A 220 8.36 -21.57 13.56
CA ASP A 220 8.45 -20.83 14.81
C ASP A 220 8.46 -19.31 14.57
N GLU A 221 9.17 -18.86 13.55
CA GLU A 221 9.22 -17.42 13.26
C GLU A 221 7.84 -16.82 12.98
N VAL A 222 7.02 -17.55 12.24
CA VAL A 222 5.62 -17.17 12.07
C VAL A 222 4.82 -17.24 13.38
N ALA A 223 4.93 -18.36 14.11
CA ALA A 223 4.28 -18.50 15.43
C ALA A 223 4.56 -17.31 16.36
N ARG A 224 5.82 -16.87 16.41
CA ARG A 224 6.19 -15.75 17.28
CA ARG A 224 6.21 -15.73 17.24
C ARG A 224 5.48 -14.46 16.87
N ALA A 225 5.28 -14.26 15.56
CA ALA A 225 4.61 -13.05 15.11
C ALA A 225 3.10 -13.09 15.38
N VAL A 226 2.51 -14.27 15.21
CA VAL A 226 1.10 -14.46 15.53
C VAL A 226 0.81 -14.16 17.00
N LEU A 227 1.68 -14.65 17.87
CA LEU A 227 1.46 -14.50 19.31
C LEU A 227 1.80 -13.09 19.79
N PHE A 228 2.72 -12.43 19.08
CA PHE A 228 2.96 -11.01 19.35
C PHE A 228 1.70 -10.20 19.04
N LEU A 229 1.13 -10.40 17.86
CA LEU A 229 -0.13 -9.73 17.49
C LEU A 229 -1.25 -10.08 18.47
N ALA A 230 -1.34 -11.35 18.82
CA ALA A 230 -2.37 -11.81 19.74
C ALA A 230 -2.33 -11.11 21.12
N PHE A 231 -1.14 -11.00 21.70
CA PHE A 231 -1.04 -10.63 23.12
C PHE A 231 -0.24 -9.38 23.45
N GLU A 232 0.64 -8.94 22.56
CA GLU A 232 1.52 -7.81 22.85
CA GLU A 232 1.52 -7.81 22.85
C GLU A 232 1.18 -6.56 22.06
N ALA A 233 0.59 -6.74 20.88
CA ALA A 233 0.26 -5.60 20.03
C ALA A 233 -1.12 -5.04 20.41
N THR A 234 -1.22 -4.53 21.63
CA THR A 234 -2.51 -4.16 22.24
C THR A 234 -3.08 -2.81 21.71
N PHE A 235 -2.30 -2.10 20.88
CA PHE A 235 -2.73 -0.87 20.21
C PHE A 235 -2.64 -1.05 18.70
N THR A 236 -2.76 -2.31 18.27
CA THR A 236 -2.62 -2.62 16.85
C THR A 236 -3.88 -3.34 16.38
N THR A 237 -4.48 -2.84 15.31
CA THR A 237 -5.67 -3.50 14.75
C THR A 237 -5.84 -3.14 13.29
N GLY A 238 -6.35 -4.09 12.50
CA GLY A 238 -6.54 -3.89 11.07
C GLY A 238 -5.21 -3.90 10.32
N ALA A 239 -4.17 -4.38 11.00
CA ALA A 239 -2.82 -4.30 10.45
C ALA A 239 -2.34 -5.63 9.88
N LYS A 240 -1.26 -5.54 9.11
CA LYS A 240 -0.60 -6.69 8.49
C LYS A 240 0.87 -6.75 8.90
N LEU A 241 1.35 -7.95 9.20
CA LEU A 241 2.75 -8.13 9.62
C LEU A 241 3.46 -9.12 8.71
N ALA A 242 4.48 -8.63 7.99
CA ALA A 242 5.24 -9.45 7.05
C ALA A 242 6.18 -10.40 7.78
N VAL A 243 6.15 -11.67 7.40
CA VAL A 243 7.15 -12.64 7.86
C VAL A 243 7.66 -13.36 6.61
N ASP A 244 8.43 -12.63 5.80
CA ASP A 244 8.65 -13.04 4.42
C ASP A 244 10.07 -12.86 3.90
N GLY A 245 11.02 -12.59 4.81
CA GLY A 245 12.40 -12.36 4.43
C GLY A 245 12.58 -11.23 3.43
N GLY A 246 11.65 -10.28 3.43
CA GLY A 246 11.73 -9.12 2.55
C GLY A 246 11.00 -9.28 1.22
N LEU A 247 10.44 -10.47 0.98
CA LEU A 247 9.88 -10.79 -0.34
C LEU A 247 8.80 -9.83 -0.80
N GLY A 248 7.92 -9.45 0.13
CA GLY A 248 6.81 -8.59 -0.21
C GLY A 248 7.09 -7.10 -0.05
N GLN A 249 8.35 -6.73 0.19
CA GLN A 249 8.68 -5.36 0.58
C GLN A 249 9.48 -4.60 -0.46
N LYS A 250 9.43 -5.08 -1.69
CA LYS A 250 10.02 -4.36 -2.84
C LYS A 250 11.52 -4.05 -2.70
N LEU A 251 12.29 -5.05 -2.28
CA LEU A 251 13.74 -4.92 -2.23
C LEU A 251 14.30 -5.38 -3.60
N SER A 252 14.93 -4.46 -4.31
CA SER A 252 15.35 -4.65 -5.70
C SER A 252 16.64 -5.47 -5.86
N THR A 253 16.84 -6.41 -4.97
CA THR A 253 18.02 -7.27 -5.00
C THR A 253 17.91 -8.39 -6.02
N GLY B 4 12.03 -12.19 25.67
CA GLY B 4 11.83 -11.21 26.73
C GLY B 4 13.08 -10.91 27.52
N ASN B 5 14.17 -11.59 27.17
N ASN B 5 14.17 -11.59 27.17
CA ASN B 5 15.43 -11.44 27.87
CA ASN B 5 15.43 -11.43 27.88
C ASN B 5 16.56 -11.03 26.93
C ASN B 5 16.56 -11.03 26.93
N TYR B 6 17.21 -9.92 27.24
CA TYR B 6 18.22 -9.33 26.36
C TYR B 6 19.60 -9.32 26.97
N GLN B 7 19.80 -10.26 27.89
CA GLN B 7 21.10 -10.51 28.51
C GLN B 7 22.15 -10.69 27.43
N GLY B 8 23.25 -9.97 27.53
CA GLY B 8 24.31 -10.07 26.54
C GLY B 8 24.06 -9.23 25.30
N LYS B 9 22.91 -8.58 25.21
CA LYS B 9 22.63 -7.71 24.07
C LYS B 9 23.07 -6.29 24.40
N LYS B 10 23.42 -5.55 23.36
CA LYS B 10 23.84 -4.16 23.50
C LYS B 10 23.05 -3.37 22.49
N ALA B 11 22.61 -2.17 22.87
CA ALA B 11 21.69 -1.41 22.04
C ALA B 11 21.99 0.06 22.15
N ILE B 12 21.72 0.79 21.07
CA ILE B 12 21.82 2.24 21.05
C ILE B 12 20.42 2.78 20.78
N VAL B 13 19.96 3.70 21.62
CA VAL B 13 18.69 4.36 21.33
C VAL B 13 18.98 5.83 21.07
N ILE B 14 18.85 6.23 19.80
CA ILE B 14 18.98 7.64 19.44
C ILE B 14 17.65 8.31 19.78
N GLY B 15 17.69 9.26 20.70
CA GLY B 15 16.48 9.90 21.20
C GLY B 15 15.75 9.03 22.22
N GLY B 16 16.45 8.70 23.31
CA GLY B 16 15.90 7.81 24.32
C GLY B 16 15.69 8.43 25.69
N THR B 17 15.55 9.75 25.73
CA THR B 17 15.52 10.45 27.00
C THR B 17 14.12 10.63 27.58
N HIS B 18 13.10 10.47 26.74
CA HIS B 18 11.73 10.41 27.24
C HIS B 18 10.79 9.76 26.23
N GLY B 19 9.56 9.53 26.65
CA GLY B 19 8.52 8.98 25.78
C GLY B 19 8.79 7.56 25.31
N MSE B 20 8.51 7.28 24.03
CA MSE B 20 8.69 5.96 23.41
C MSE B 20 10.12 5.43 23.48
O MSE B 20 10.32 4.24 23.69
CB MSE B 20 8.29 6.00 21.94
CG MSE B 20 6.94 6.54 21.69
SE MSE B 20 6.54 6.67 19.77
CE MSE B 20 8.10 5.65 19.20
N GLY B 21 11.10 6.31 23.25
CA GLY B 21 12.48 5.88 23.28
C GLY B 21 12.88 5.47 24.68
N LEU B 22 12.48 6.26 25.67
CA LEU B 22 12.81 5.93 27.06
C LEU B 22 12.10 4.66 27.51
N ALA B 23 10.89 4.44 27.02
CA ALA B 23 10.13 3.23 27.37
C ALA B 23 10.88 2.00 26.84
N THR B 24 11.52 2.21 25.69
CA THR B 24 12.29 1.17 25.00
C THR B 24 13.55 0.88 25.77
N VAL B 25 14.21 1.96 26.21
CA VAL B 25 15.37 1.85 27.09
C VAL B 25 15.03 1.04 28.33
N ARG B 26 13.89 1.34 28.95
CA ARG B 26 13.52 0.68 30.20
C ARG B 26 13.36 -0.84 30.04
N ARG B 27 12.69 -1.29 28.97
CA ARG B 27 12.52 -2.72 28.74
C ARG B 27 13.85 -3.39 28.43
N LEU B 28 14.68 -2.72 27.62
CA LEU B 28 16.03 -3.22 27.33
C LEU B 28 16.84 -3.43 28.61
N VAL B 29 16.84 -2.43 29.49
CA VAL B 29 17.56 -2.54 30.75
C VAL B 29 16.96 -3.61 31.63
N GLU B 30 15.63 -3.66 31.70
CA GLU B 30 14.96 -4.64 32.57
C GLU B 30 15.18 -6.07 32.07
N GLY B 31 15.48 -6.22 30.80
CA GLY B 31 15.76 -7.52 30.22
C GLY B 31 17.23 -7.90 30.22
N GLY B 32 18.09 -6.99 30.66
CA GLY B 32 19.51 -7.28 30.80
C GLY B 32 20.41 -6.72 29.70
N ALA B 33 19.90 -5.82 28.88
CA ALA B 33 20.69 -5.22 27.81
C ALA B 33 21.70 -4.21 28.34
N GLU B 34 22.81 -4.05 27.64
CA GLU B 34 23.69 -2.90 27.88
C GLU B 34 23.23 -1.80 26.92
N VAL B 35 22.97 -0.61 27.45
CA VAL B 35 22.32 0.42 26.64
C VAL B 35 23.04 1.77 26.68
N LEU B 36 23.16 2.38 25.51
CA LEU B 36 23.61 3.76 25.37
C LEU B 36 22.48 4.54 24.71
N LEU B 37 22.13 5.69 25.27
CA LEU B 37 21.08 6.51 24.67
C LEU B 37 21.54 7.96 24.43
N THR B 38 20.89 8.63 23.49
CA THR B 38 21.16 10.05 23.28
C THR B 38 19.92 10.93 23.42
N GLY B 39 20.17 12.22 23.54
CA GLY B 39 19.14 13.22 23.59
C GLY B 39 19.82 14.54 23.29
N ARG B 40 19.03 15.55 23.00
CA ARG B 40 19.58 16.87 22.68
C ARG B 40 19.44 17.80 23.89
N ASN B 41 18.38 17.59 24.65
CA ASN B 41 18.11 18.39 25.85
C ASN B 41 18.98 17.92 27.02
N GLU B 42 19.61 18.85 27.72
CA GLU B 42 20.56 18.54 28.77
C GLU B 42 19.95 18.12 30.12
N SER B 43 18.88 18.79 30.55
CA SER B 43 18.22 18.41 31.79
C SER B 43 17.51 17.05 31.69
N ASN B 44 17.05 16.69 30.49
CA ASN B 44 16.52 15.34 30.26
C ASN B 44 17.60 14.29 30.52
N ILE B 45 18.82 14.59 30.07
CA ILE B 45 19.95 13.71 30.29
C ILE B 45 20.25 13.55 31.78
N ALA B 46 20.23 14.66 32.52
CA ALA B 46 20.43 14.63 33.96
C ALA B 46 19.42 13.70 34.66
N ARG B 47 18.15 13.79 34.26
CA ARG B 47 17.10 12.94 34.84
C ARG B 47 17.33 11.46 34.54
N ILE B 48 17.73 11.17 33.30
CA ILE B 48 18.09 9.81 32.90
C ILE B 48 19.21 9.25 33.81
N ARG B 49 20.27 10.03 33.98
CA ARG B 49 21.37 9.61 34.85
C ARG B 49 20.94 9.39 36.30
N GLU B 50 19.88 10.05 36.73
CA GLU B 50 19.38 9.86 38.09
C GLU B 50 18.53 8.59 38.19
N GLU B 51 17.63 8.41 37.23
CA GLU B 51 16.77 7.24 37.19
C GLU B 51 17.59 5.94 37.11
N PHE B 52 18.57 5.95 36.22
CA PHE B 52 19.29 4.73 35.86
C PHE B 52 20.64 4.56 36.55
N GLY B 53 21.28 5.68 36.87
CA GLY B 53 22.61 5.64 37.42
C GLY B 53 23.57 5.21 36.33
N PRO B 54 24.79 4.84 36.72
CA PRO B 54 25.85 4.34 35.81
C PRO B 54 25.45 3.09 35.01
N ARG B 55 24.27 2.54 35.27
CA ARG B 55 23.75 1.39 34.52
C ARG B 55 23.73 1.59 32.99
N VAL B 56 23.23 2.74 32.53
CA VAL B 56 23.22 3.00 31.10
C VAL B 56 24.10 4.19 30.76
N HIS B 57 24.54 4.26 29.51
CA HIS B 57 25.37 5.35 29.04
C HIS B 57 24.48 6.38 28.35
N ALA B 58 24.45 7.58 28.90
CA ALA B 58 23.58 8.62 28.35
C ALA B 58 24.45 9.76 27.85
N LEU B 59 24.27 10.13 26.59
CA LEU B 59 25.10 11.15 25.97
C LEU B 59 24.27 12.28 25.40
N ARG B 60 24.61 13.51 25.77
CA ARG B 60 24.00 14.67 25.10
C ARG B 60 24.62 14.68 23.72
N SER B 61 23.81 14.48 22.69
CA SER B 61 24.31 14.41 21.32
C SER B 61 23.26 14.82 20.30
N ASP B 62 23.47 15.98 19.67
CA ASP B 62 22.56 16.48 18.63
C ASP B 62 22.60 15.63 17.35
N ILE B 63 21.46 15.02 16.99
CA ILE B 63 21.41 14.12 15.83
C ILE B 63 21.64 14.89 14.52
N ALA B 64 21.33 16.19 14.54
CA ALA B 64 21.46 17.03 13.35
C ALA B 64 22.89 17.44 13.05
N ASP B 65 23.78 17.24 14.00
CA ASP B 65 25.14 17.75 13.88
C ASP B 65 26.13 16.66 13.50
N LEU B 66 26.79 16.81 12.35
CA LEU B 66 27.65 15.75 11.81
C LEU B 66 28.95 15.57 12.59
N ASN B 67 29.45 16.64 13.16
CA ASN B 67 30.59 16.54 14.06
C ASN B 67 30.20 15.72 15.28
N GLU B 68 29.03 16.00 15.85
CA GLU B 68 28.58 15.26 17.04
C GLU B 68 28.31 13.79 16.73
N ILE B 69 27.85 13.51 15.51
CA ILE B 69 27.62 12.14 15.10
C ILE B 69 28.92 11.35 15.07
N ALA B 70 30.00 12.00 14.60
CA ALA B 70 31.33 11.41 14.62
C ALA B 70 31.79 11.11 16.05
N VAL B 71 31.59 12.09 16.93
CA VAL B 71 31.97 11.92 18.33
C VAL B 71 31.16 10.77 18.94
N LEU B 72 29.88 10.74 18.61
CA LEU B 72 28.99 9.68 19.08
C LEU B 72 29.47 8.31 18.62
N GLY B 73 29.87 8.22 17.35
CA GLY B 73 30.37 6.98 16.77
C GLY B 73 31.55 6.42 17.54
N ALA B 74 32.51 7.28 17.85
CA ALA B 74 33.66 6.83 18.60
C ALA B 74 33.26 6.44 20.03
N ALA B 75 32.34 7.17 20.62
CA ALA B 75 31.91 6.86 21.99
C ALA B 75 31.29 5.45 22.04
N ALA B 76 30.40 5.18 21.09
CA ALA B 76 29.69 3.90 21.05
C ALA B 76 30.67 2.77 20.87
N GLY B 77 31.60 2.96 19.94
CA GLY B 77 32.60 1.94 19.66
C GLY B 77 33.48 1.69 20.86
N GLN B 78 33.64 2.72 21.68
CA GLN B 78 34.45 2.61 22.90
C GLN B 78 33.70 1.96 24.06
N THR B 79 32.44 2.31 24.24
CA THR B 79 31.70 1.80 25.39
C THR B 79 31.01 0.45 25.14
N LEU B 80 30.51 0.24 23.92
CA LEU B 80 29.79 -1.00 23.60
C LEU B 80 30.58 -1.92 22.67
N GLY B 81 31.30 -1.32 21.73
CA GLY B 81 32.20 -2.08 20.86
C GLY B 81 31.50 -2.67 19.65
N ALA B 82 30.36 -3.32 19.89
CA ALA B 82 29.57 -3.93 18.83
C ALA B 82 28.15 -4.15 19.33
N ILE B 83 27.15 -3.85 18.49
CA ILE B 83 25.77 -3.81 18.96
C ILE B 83 24.76 -4.69 18.21
N ASP B 84 23.70 -5.05 18.93
CA ASP B 84 22.61 -5.85 18.36
C ASP B 84 21.48 -5.01 17.83
N LEU B 85 21.29 -3.82 18.37
CA LEU B 85 20.16 -2.99 17.94
C LEU B 85 20.51 -1.52 17.90
N LEU B 86 20.24 -0.88 16.76
CA LEU B 86 20.24 0.57 16.68
C LEU B 86 18.80 1.05 16.49
N HIS B 87 18.27 1.74 17.49
CA HIS B 87 16.92 2.29 17.41
C HIS B 87 17.00 3.78 17.11
N ILE B 88 16.56 4.18 15.93
CA ILE B 88 16.48 5.60 15.59
C ILE B 88 15.08 6.14 15.96
N ASN B 89 15.00 6.89 17.04
CA ASN B 89 13.71 7.34 17.56
C ASN B 89 13.53 8.85 17.47
N ALA B 90 14.64 9.57 17.39
CA ALA B 90 14.63 11.03 17.49
C ALA B 90 13.73 11.67 16.44
N GLY B 91 12.97 12.68 16.86
CA GLY B 91 12.09 13.39 15.95
C GLY B 91 11.71 14.74 16.50
N VAL B 92 11.42 15.69 15.59
CA VAL B 92 10.79 16.95 15.96
C VAL B 92 9.67 17.26 14.98
N SER B 93 8.71 18.07 15.42
CA SER B 93 7.61 18.45 14.54
C SER B 93 7.15 19.87 14.83
N GLU B 94 6.83 20.60 13.76
CA GLU B 94 6.26 21.94 13.87
C GLU B 94 5.03 22.02 12.97
N LEU B 95 3.87 22.22 13.56
CA LEU B 95 2.60 22.28 12.84
C LEU B 95 2.41 23.63 12.16
N GLU B 96 2.36 23.61 10.82
CA GLU B 96 2.18 24.84 10.02
C GLU B 96 1.38 24.51 8.76
N PRO B 97 0.39 25.35 8.43
CA PRO B 97 -0.25 25.19 7.10
C PRO B 97 0.80 25.39 6.00
N PHE B 98 0.64 24.70 4.88
CA PHE B 98 1.66 24.63 3.84
C PHE B 98 2.20 25.98 3.34
N ASP B 99 1.37 27.00 3.28
CA ASP B 99 1.81 28.31 2.79
C ASP B 99 2.46 29.17 3.88
N GLN B 100 2.64 28.58 5.06
CA GLN B 100 3.15 29.27 6.24
C GLN B 100 4.58 28.79 6.48
N VAL B 101 4.89 27.60 5.96
CA VAL B 101 6.23 27.01 6.11
C VAL B 101 7.35 27.94 5.60
N SER B 102 8.39 28.11 6.42
CA SER B 102 9.53 28.98 6.07
C SER B 102 10.68 28.07 5.72
N GLU B 103 11.73 28.61 5.10
CA GLU B 103 12.93 27.80 4.86
C GLU B 103 13.51 27.27 6.17
N ALA B 104 13.57 28.12 7.19
CA ALA B 104 14.11 27.74 8.51
C ALA B 104 13.40 26.56 9.14
N SER B 105 12.07 26.63 9.23
CA SER B 105 11.29 25.54 9.85
C SER B 105 11.34 24.28 9.02
N TYR B 106 11.34 24.45 7.70
CA TYR B 106 11.53 23.33 6.78
C TYR B 106 12.87 22.65 7.07
N ASP B 107 13.96 23.45 7.09
CA ASP B 107 15.29 22.90 7.28
C ASP B 107 15.42 22.17 8.62
N ARG B 108 14.90 22.78 9.68
CA ARG B 108 14.92 22.20 11.03
C ARG B 108 14.37 20.77 11.11
N GLN B 109 13.23 20.52 10.50
CA GLN B 109 12.57 19.22 10.61
C GLN B 109 13.27 18.14 9.78
N PHE B 110 13.72 18.49 8.59
CA PHE B 110 14.51 17.55 7.78
C PHE B 110 15.91 17.31 8.36
N ALA B 111 16.50 18.32 8.96
CA ALA B 111 17.82 18.17 9.60
C ALA B 111 17.82 17.07 10.65
N VAL B 112 16.80 17.07 11.51
CA VAL B 112 16.67 16.08 12.58
C VAL B 112 16.04 14.76 12.13
N ASN B 113 14.88 14.83 11.46
CA ASN B 113 14.11 13.63 11.18
C ASN B 113 14.62 12.78 10.02
N THR B 114 15.42 13.38 9.14
CA THR B 114 15.82 12.71 7.92
C THR B 114 17.31 12.65 7.69
N LYS B 115 17.93 13.83 7.57
CA LYS B 115 19.37 13.94 7.34
C LYS B 115 20.20 13.39 8.51
N GLY B 116 19.91 13.84 9.72
CA GLY B 116 20.63 13.38 10.90
C GLY B 116 20.46 11.87 11.13
N ALA B 117 19.26 11.36 10.87
CA ALA B 117 19.02 9.94 11.00
C ALA B 117 19.85 9.16 9.98
N PHE B 118 19.92 9.67 8.75
CA PHE B 118 20.73 9.04 7.70
C PHE B 118 22.19 8.99 8.08
N PHE B 119 22.74 10.12 8.47
CA PHE B 119 24.17 10.14 8.79
C PHE B 119 24.52 9.48 10.10
N THR B 120 23.58 9.43 11.03
CA THR B 120 23.79 8.69 12.27
C THR B 120 23.89 7.20 11.95
N VAL B 121 22.98 6.74 11.09
CA VAL B 121 22.98 5.34 10.68
C VAL B 121 24.21 5.04 9.85
N GLN B 122 24.62 6.00 9.03
CA GLN B 122 25.83 5.81 8.26
C GLN B 122 27.05 5.59 9.16
N ARG B 123 27.15 6.37 10.23
CA ARG B 123 28.32 6.29 11.12
C ARG B 123 28.33 5.05 12.03
N LEU B 124 27.15 4.56 12.39
CA LEU B 124 27.06 3.52 13.42
C LEU B 124 26.88 2.10 12.88
N THR B 125 26.41 1.99 11.64
CA THR B 125 26.22 0.70 10.98
C THR B 125 27.42 -0.25 11.00
N PRO B 126 28.67 0.29 10.94
CA PRO B 126 29.78 -0.68 11.07
C PRO B 126 29.82 -1.40 12.42
N LEU B 127 29.19 -0.84 13.46
CA LEU B 127 29.22 -1.49 14.77
C LEU B 127 28.22 -2.64 14.81
N ILE B 128 27.26 -2.64 13.89
CA ILE B 128 26.15 -3.59 13.94
C ILE B 128 26.62 -5.00 13.55
N ARG B 129 26.32 -5.95 14.41
CA ARG B 129 26.78 -7.31 14.21
C ARG B 129 25.81 -8.06 13.31
N GLU B 130 26.26 -9.20 12.80
CA GLU B 130 25.44 -10.10 11.98
C GLU B 130 24.33 -10.72 12.85
N GLY B 131 23.09 -10.54 12.44
CA GLY B 131 21.96 -11.04 13.22
C GLY B 131 21.25 -9.87 13.87
N GLY B 132 21.87 -8.70 13.79
CA GLY B 132 21.38 -7.52 14.44
C GLY B 132 20.41 -6.77 13.56
N SER B 133 19.94 -5.61 14.04
CA SER B 133 18.89 -4.90 13.33
C SER B 133 18.86 -3.42 13.65
N ILE B 134 18.19 -2.68 12.79
CA ILE B 134 17.96 -1.27 12.97
C ILE B 134 16.47 -1.14 12.98
N VAL B 135 15.94 -0.39 13.93
CA VAL B 135 14.52 -0.08 13.94
C VAL B 135 14.33 1.42 13.91
N PHE B 136 13.59 1.90 12.93
CA PHE B 136 13.27 3.32 12.83
C PHE B 136 11.93 3.55 13.48
N THR B 137 11.80 4.69 14.14
CA THR B 137 10.48 5.13 14.52
C THR B 137 9.94 6.11 13.49
N SER B 138 8.89 5.73 12.78
CA SER B 138 8.31 6.62 11.79
C SER B 138 7.09 7.29 12.40
N SER B 139 5.97 7.28 11.68
CA SER B 139 4.73 7.88 12.16
C SER B 139 3.62 7.44 11.23
N VAL B 140 2.38 7.47 11.71
CA VAL B 140 1.24 7.19 10.84
C VAL B 140 1.15 8.31 9.77
N ALA B 141 1.81 9.45 10.04
CA ALA B 141 1.83 10.54 9.07
C ALA B 141 2.72 10.27 7.87
N ASP B 142 3.46 9.16 7.88
CA ASP B 142 4.35 8.86 6.75
C ASP B 142 3.58 8.44 5.49
N GLU B 143 2.27 8.26 5.64
CA GLU B 143 1.37 7.99 4.51
C GLU B 143 0.15 8.88 4.61
N GLY B 144 -0.35 9.30 3.45
CA GLY B 144 -1.56 10.10 3.39
C GLY B 144 -1.35 11.58 3.67
N GLY B 145 -2.43 12.36 3.60
CA GLY B 145 -2.36 13.79 3.73
C GLY B 145 -2.96 14.32 5.02
N HIS B 146 -2.12 14.87 5.90
CA HIS B 146 -2.58 15.42 7.17
C HIS B 146 -2.25 16.91 7.24
N PRO B 147 -3.29 17.76 7.18
CA PRO B 147 -3.10 19.21 7.05
C PRO B 147 -2.29 19.81 8.20
N GLY B 148 -1.31 20.66 7.88
CA GLY B 148 -0.45 21.28 8.89
C GLY B 148 0.79 20.47 9.20
N MSE B 149 0.92 19.34 8.55
CA MSE B 149 2.01 18.43 8.85
C MSE B 149 2.76 18.03 7.57
O MSE B 149 3.37 16.96 7.51
CB MSE B 149 1.46 17.23 9.63
CG MSE B 149 0.85 17.68 10.96
SE MSE B 149 -0.24 16.39 11.89
CE MSE B 149 0.70 14.84 11.33
N SER B 150 2.74 18.93 6.59
CA SER B 150 3.44 18.71 5.31
C SER B 150 4.91 18.35 5.50
N VAL B 151 5.67 19.19 6.19
CA VAL B 151 7.09 18.94 6.37
C VAL B 151 7.36 17.70 7.20
N TYR B 152 6.67 17.58 8.33
CA TYR B 152 6.88 16.42 9.19
C TYR B 152 6.58 15.12 8.46
N SER B 153 5.41 15.06 7.82
CA SER B 153 5.00 13.86 7.09
C SER B 153 6.05 13.46 6.06
N ALA B 154 6.53 14.42 5.29
CA ALA B 154 7.47 14.18 4.23
C ALA B 154 8.83 13.73 4.73
N SER B 155 9.28 14.32 5.84
CA SER B 155 10.54 13.92 6.45
C SER B 155 10.47 12.48 6.94
N LYS B 156 9.30 12.06 7.42
CA LYS B 156 9.10 10.67 7.88
C LYS B 156 8.94 9.72 6.71
N ALA B 157 8.21 10.15 5.67
CA ALA B 157 8.12 9.37 4.44
C ALA B 157 9.50 9.09 3.86
N ALA B 158 10.36 10.11 3.91
CA ALA B 158 11.74 9.96 3.47
C ALA B 158 12.46 8.91 4.29
N LEU B 159 12.29 8.97 5.61
CA LEU B 159 12.93 8.01 6.52
C LEU B 159 12.52 6.56 6.22
N VAL B 160 11.24 6.34 5.91
CA VAL B 160 10.73 5.01 5.56
C VAL B 160 11.39 4.48 4.29
N SER B 161 11.59 5.38 3.33
CA SER B 161 12.32 5.04 2.11
C SER B 161 13.74 4.59 2.45
N PHE B 162 14.47 5.40 3.22
CA PHE B 162 15.81 5.02 3.70
C PHE B 162 15.81 3.63 4.35
N ALA B 163 14.83 3.37 5.22
CA ALA B 163 14.69 2.05 5.84
C ALA B 163 14.62 0.94 4.79
N SER B 164 13.86 1.15 3.73
CA SER B 164 13.79 0.19 2.63
C SER B 164 15.13 -0.02 1.91
N VAL B 165 15.76 1.05 1.42
CA VAL B 165 17.06 0.90 0.78
C VAL B 165 18.11 0.27 1.70
N LEU B 166 18.10 0.62 2.98
CA LEU B 166 19.01 0.05 3.95
C LEU B 166 18.75 -1.45 4.10
N ALA B 167 17.47 -1.83 4.19
CA ALA B 167 17.13 -3.24 4.28
C ALA B 167 17.73 -4.00 3.10
N ALA B 168 17.66 -3.40 1.91
CA ALA B 168 18.23 -4.03 0.72
C ALA B 168 19.75 -4.07 0.72
N GLU B 169 20.39 -2.97 1.08
CA GLU B 169 21.85 -2.88 1.02
C GLU B 169 22.55 -3.66 2.13
N LEU B 170 21.88 -3.85 3.26
CA LEU B 170 22.51 -4.50 4.40
C LEU B 170 22.27 -6.02 4.45
N LEU B 171 21.52 -6.54 3.48
CA LEU B 171 21.29 -7.99 3.35
C LEU B 171 22.56 -8.84 3.40
N PRO B 172 23.66 -8.41 2.75
CA PRO B 172 24.86 -9.27 2.84
C PRO B 172 25.50 -9.25 4.22
N ARG B 173 25.13 -8.29 5.06
CA ARG B 173 25.66 -8.21 6.43
C ARG B 173 24.75 -8.94 7.40
N GLY B 174 23.66 -9.51 6.88
CA GLY B 174 22.65 -10.15 7.73
C GLY B 174 22.04 -9.19 8.75
N ILE B 175 21.90 -7.93 8.37
CA ILE B 175 21.26 -6.92 9.21
C ILE B 175 19.87 -6.55 8.70
N ARG B 176 18.85 -6.76 9.55
CA ARG B 176 17.46 -6.48 9.21
C ARG B 176 17.18 -5.00 9.48
N VAL B 177 16.27 -4.40 8.72
CA VAL B 177 15.90 -3.00 8.89
C VAL B 177 14.39 -2.87 8.79
N ASN B 178 13.76 -2.38 9.85
CA ASN B 178 12.31 -2.24 9.87
C ASN B 178 11.88 -0.93 10.55
N SER B 179 10.60 -0.62 10.47
CA SER B 179 10.06 0.63 11.02
C SER B 179 8.78 0.39 11.81
N VAL B 180 8.63 1.07 12.94
CA VAL B 180 7.34 1.13 13.65
C VAL B 180 6.63 2.43 13.28
N SER B 181 5.30 2.38 13.13
CA SER B 181 4.51 3.57 12.82
C SER B 181 3.43 3.91 13.85
N PRO B 182 3.76 4.77 14.84
CA PRO B 182 2.68 5.26 15.71
C PRO B 182 1.97 6.41 14.99
N GLY B 183 0.72 6.78 15.27
CA GLY B 183 -0.02 6.39 16.43
C GLY B 183 -0.04 7.65 17.28
N PHE B 184 -1.21 8.08 17.74
CA PHE B 184 -1.27 9.08 18.81
C PHE B 184 -0.85 8.36 20.08
N ILE B 185 0.32 8.73 20.59
CA ILE B 185 0.89 8.07 21.77
C ILE B 185 0.94 9.04 22.94
N ASP B 186 0.31 8.66 24.06
CA ASP B 186 0.26 9.54 25.23
C ASP B 186 1.65 9.67 25.84
N THR B 187 2.25 10.83 25.60
CA THR B 187 3.66 11.04 25.93
C THR B 187 3.80 12.50 26.36
N PRO B 188 4.89 12.86 27.07
CA PRO B 188 4.89 14.25 27.59
C PRO B 188 5.07 15.33 26.55
N THR B 189 5.65 15.01 25.38
CA THR B 189 5.78 15.99 24.31
C THR B 189 4.65 15.88 23.29
N LYS B 190 4.05 14.69 23.23
CA LYS B 190 3.07 14.31 22.20
C LYS B 190 3.69 14.31 20.79
N GLY B 191 5.02 14.38 20.74
CA GLY B 191 5.73 14.45 19.47
C GLY B 191 6.01 15.89 19.05
N VAL B 192 5.36 16.84 19.71
CA VAL B 192 5.49 18.26 19.39
C VAL B 192 5.99 19.07 20.58
N ALA B 193 7.25 19.50 20.52
CA ALA B 193 7.91 20.17 21.65
C ALA B 193 7.49 21.63 21.84
N GLY B 194 7.24 22.33 20.74
CA GLY B 194 6.97 23.76 20.78
C GLY B 194 5.75 24.17 21.59
N ILE B 195 4.67 23.42 21.45
CA ILE B 195 3.41 23.76 22.11
C ILE B 195 3.47 23.64 23.64
N THR B 196 2.37 24.04 24.29
CA THR B 196 2.28 24.06 25.75
C THR B 196 1.56 22.83 26.30
N GLU B 197 1.33 22.80 27.61
CA GLU B 197 0.59 21.69 28.20
C GLU B 197 -0.86 21.73 27.73
N ALA B 198 -1.40 22.94 27.61
CA ALA B 198 -2.77 23.13 27.15
C ALA B 198 -2.98 22.56 25.75
N GLU B 199 -2.06 22.88 24.84
CA GLU B 199 -2.20 22.50 23.43
C GLU B 199 -1.86 21.02 23.21
N ARG B 200 -1.23 20.40 24.21
CA ARG B 200 -0.94 18.96 24.17
C ARG B 200 -2.14 18.16 24.63
N ALA B 201 -2.80 18.64 25.68
CA ALA B 201 -4.00 17.99 26.21
C ALA B 201 -5.11 17.96 25.16
N GLU B 202 -5.10 18.93 24.27
CA GLU B 202 -6.04 18.98 23.16
C GLU B 202 -5.61 18.04 22.04
N PHE B 203 -4.31 17.94 21.85
CA PHE B 203 -3.77 17.03 20.85
C PHE B 203 -4.07 15.60 21.25
N LYS B 204 -4.04 15.33 22.54
CA LYS B 204 -4.33 14.00 23.08
C LYS B 204 -5.81 13.69 22.85
N THR B 205 -6.66 14.67 23.10
CA THR B 205 -8.10 14.49 22.97
C THR B 205 -8.48 14.26 21.50
N LEU B 206 -7.84 15.01 20.60
CA LEU B 206 -7.96 14.77 19.16
C LEU B 206 -7.65 13.29 18.90
N GLY B 207 -6.64 12.79 19.59
CA GLY B 207 -6.26 11.39 19.48
C GLY B 207 -7.39 10.46 19.90
N ASP B 208 -7.97 10.73 21.07
CA ASP B 208 -9.08 9.94 21.57
C ASP B 208 -10.27 9.90 20.58
N ASN B 209 -10.56 11.03 19.95
CA ASN B 209 -11.69 11.13 19.04
C ASN B 209 -11.48 10.43 17.69
N ILE B 210 -10.34 10.68 17.04
CA ILE B 210 -10.10 10.16 15.69
C ILE B 210 -9.43 8.79 15.62
N THR B 211 -8.86 8.32 16.73
CA THR B 211 -8.28 6.97 16.71
C THR B 211 -9.44 5.98 16.79
N PRO B 212 -9.51 5.05 15.83
CA PRO B 212 -10.58 4.04 15.82
C PRO B 212 -10.73 3.31 17.16
N MSE B 213 -9.64 3.00 17.84
CA MSE B 213 -9.70 2.36 19.15
C MSE B 213 -10.07 3.32 20.28
O MSE B 213 -10.13 2.93 21.46
CB MSE B 213 -8.40 1.62 19.46
CG MSE B 213 -8.20 0.37 18.59
SE MSE B 213 -6.72 -0.82 19.09
CE MSE B 213 -7.46 -1.40 20.81
N LYS B 214 -10.31 4.59 19.91
CA LYS B 214 -10.83 5.60 20.83
C LYS B 214 -9.92 5.93 22.02
N ARG B 215 -8.61 5.81 21.84
CA ARG B 215 -7.65 6.18 22.88
C ARG B 215 -6.28 6.47 22.30
N ASN B 216 -5.39 7.03 23.12
CA ASN B 216 -3.99 7.16 22.75
C ASN B 216 -3.26 5.87 23.09
N GLY B 217 -2.15 5.59 22.41
CA GLY B 217 -1.32 4.45 22.73
C GLY B 217 -0.45 4.78 23.93
N THR B 218 0.17 3.77 24.53
CA THR B 218 1.16 4.04 25.58
C THR B 218 2.54 3.90 24.95
N ALA B 219 3.55 4.49 25.60
CA ALA B 219 4.92 4.41 25.14
C ALA B 219 5.41 2.97 25.20
N ASP B 220 4.98 2.25 26.24
CA ASP B 220 5.35 0.85 26.40
C ASP B 220 4.81 -0.04 25.27
N GLU B 221 3.64 0.28 24.75
CA GLU B 221 3.11 -0.47 23.61
C GLU B 221 4.00 -0.27 22.38
N VAL B 222 4.49 0.93 22.19
CA VAL B 222 5.45 1.14 21.11
C VAL B 222 6.74 0.38 21.37
N ALA B 223 7.28 0.51 22.59
CA ALA B 223 8.51 -0.19 22.97
C ALA B 223 8.44 -1.70 22.71
N ARG B 224 7.32 -2.32 23.07
CA ARG B 224 7.15 -3.77 22.83
C ARG B 224 7.28 -4.10 21.34
N ALA B 225 6.73 -3.24 20.50
CA ALA B 225 6.77 -3.48 19.06
C ALA B 225 8.19 -3.28 18.51
N VAL B 226 8.93 -2.32 19.06
CA VAL B 226 10.29 -2.09 18.63
C VAL B 226 11.13 -3.32 18.94
N LEU B 227 10.93 -3.85 20.13
CA LEU B 227 11.79 -4.94 20.58
C LEU B 227 11.39 -6.28 19.94
N PHE B 228 10.14 -6.42 19.53
CA PHE B 228 9.75 -7.61 18.78
C PHE B 228 10.49 -7.61 17.44
N LEU B 229 10.41 -6.48 16.74
CA LEU B 229 11.09 -6.30 15.46
C LEU B 229 12.59 -6.49 15.58
N ALA B 230 13.15 -5.98 16.67
CA ALA B 230 14.59 -6.04 16.87
C ALA B 230 15.06 -7.48 17.08
N PHE B 231 14.31 -8.21 17.91
CA PHE B 231 14.81 -9.48 18.45
C PHE B 231 14.02 -10.76 18.11
N GLU B 232 12.74 -10.63 17.83
CA GLU B 232 11.93 -11.81 17.52
C GLU B 232 11.59 -11.93 16.04
N ALA B 233 11.44 -10.81 15.35
CA ALA B 233 11.05 -10.85 13.94
C ALA B 233 12.25 -11.14 13.04
N THR B 234 12.82 -12.33 13.21
CA THR B 234 14.05 -12.71 12.53
C THR B 234 13.91 -13.04 11.02
N PHE B 235 12.68 -13.12 10.50
CA PHE B 235 12.44 -13.27 9.05
C PHE B 235 11.74 -12.03 8.48
N THR B 236 11.95 -10.90 9.13
CA THR B 236 11.27 -9.66 8.75
C THR B 236 12.31 -8.59 8.42
N THR B 237 12.19 -7.98 7.25
CA THR B 237 13.07 -6.86 6.88
C THR B 237 12.41 -5.96 5.83
N GLY B 238 12.66 -4.65 5.94
CA GLY B 238 12.07 -3.68 5.02
C GLY B 238 10.59 -3.47 5.28
N ALA B 239 10.14 -3.87 6.46
CA ALA B 239 8.72 -3.88 6.75
C ALA B 239 8.30 -2.74 7.68
N LYS B 240 7.00 -2.56 7.81
CA LYS B 240 6.47 -1.56 8.72
C LYS B 240 5.47 -2.19 9.67
N LEU B 241 5.50 -1.77 10.94
CA LEU B 241 4.57 -2.30 11.94
C LEU B 241 3.81 -1.14 12.58
N ALA B 242 2.50 -1.18 12.42
CA ALA B 242 1.63 -0.12 12.91
C ALA B 242 1.33 -0.26 14.41
N VAL B 243 1.43 0.85 15.14
CA VAL B 243 1.02 0.91 16.55
C VAL B 243 0.19 2.18 16.68
N ASP B 244 -1.00 2.15 16.10
CA ASP B 244 -1.72 3.38 15.83
C ASP B 244 -3.21 3.30 16.18
N GLY B 245 -3.61 2.25 16.88
CA GLY B 245 -5.00 2.08 17.24
C GLY B 245 -5.90 1.98 16.02
N GLY B 246 -5.30 1.62 14.88
CA GLY B 246 -6.06 1.47 13.65
C GLY B 246 -6.03 2.70 12.75
N LEU B 247 -5.48 3.80 13.26
CA LEU B 247 -5.59 5.12 12.59
C LEU B 247 -5.13 5.14 11.13
N GLY B 248 -4.04 4.46 10.81
CA GLY B 248 -3.55 4.47 9.43
C GLY B 248 -3.99 3.26 8.64
N GLN B 249 -4.96 2.52 9.17
CA GLN B 249 -5.35 1.25 8.57
C GLN B 249 -6.63 1.30 7.74
N LYS B 250 -7.08 2.52 7.43
CA LYS B 250 -8.27 2.74 6.60
C LYS B 250 -9.58 2.13 7.16
N LEU B 251 -9.79 2.26 8.46
CA LEU B 251 -11.03 1.80 9.10
C LEU B 251 -12.08 2.90 9.08
N SER B 252 -13.16 2.65 8.34
CA SER B 252 -14.20 3.66 8.12
C SER B 252 -15.05 3.90 9.37
N THR B 253 -14.38 4.26 10.45
CA THR B 253 -15.02 4.89 11.61
C THR B 253 -14.19 6.17 11.86
N ALA B 254 -14.86 7.24 12.28
CA ALA B 254 -16.28 7.23 12.58
C ALA B 254 -17.02 8.30 11.78
N GLY C 4 -12.99 9.02 -34.85
CA GLY C 4 -12.02 8.01 -35.27
C GLY C 4 -11.03 7.68 -34.17
N ASN C 5 -11.28 8.21 -32.97
CA ASN C 5 -10.38 7.98 -31.84
CA ASN C 5 -10.46 7.99 -31.79
C ASN C 5 -10.28 6.50 -31.47
N TYR C 6 -11.40 5.77 -31.56
CA TYR C 6 -11.38 4.33 -31.35
C TYR C 6 -11.80 3.67 -32.64
N GLN C 7 -11.44 4.28 -33.77
CA GLN C 7 -11.81 3.73 -35.07
C GLN C 7 -11.33 2.30 -35.15
N GLY C 8 -12.21 1.41 -35.64
CA GLY C 8 -11.86 0.03 -35.90
C GLY C 8 -11.76 -0.82 -34.65
N LYS C 9 -11.80 -0.19 -33.48
CA LYS C 9 -11.59 -0.93 -32.23
C LYS C 9 -12.81 -1.81 -31.89
N LYS C 10 -12.57 -2.90 -31.14
CA LYS C 10 -13.65 -3.77 -30.70
C LYS C 10 -13.53 -4.03 -29.21
N ALA C 11 -14.63 -3.90 -28.48
CA ALA C 11 -14.60 -4.06 -27.02
C ALA C 11 -15.75 -4.88 -26.48
N ILE C 12 -15.51 -5.52 -25.34
CA ILE C 12 -16.57 -6.19 -24.60
C ILE C 12 -16.67 -5.55 -23.22
N VAL C 13 -17.87 -5.08 -22.85
CA VAL C 13 -18.10 -4.55 -21.51
C VAL C 13 -19.06 -5.47 -20.77
N ILE C 14 -18.53 -6.21 -19.80
CA ILE C 14 -19.34 -7.11 -18.98
C ILE C 14 -20.07 -6.29 -17.91
N GLY C 15 -21.38 -6.15 -18.06
CA GLY C 15 -22.21 -5.33 -17.19
C GLY C 15 -22.18 -3.88 -17.64
N GLY C 16 -22.55 -3.65 -18.90
CA GLY C 16 -22.51 -2.32 -19.49
C GLY C 16 -23.88 -1.76 -19.80
N THR C 17 -24.87 -2.11 -18.97
CA THR C 17 -26.27 -1.74 -19.18
C THR C 17 -26.71 -0.51 -18.38
N HIS C 18 -25.92 -0.12 -17.39
CA HIS C 18 -26.29 0.97 -16.49
C HIS C 18 -25.04 1.68 -15.96
N GLY C 19 -25.18 2.93 -15.56
CA GLY C 19 -24.13 3.63 -14.83
C GLY C 19 -22.79 3.68 -15.53
N MSE C 20 -21.72 3.43 -14.77
CA MSE C 20 -20.37 3.56 -15.31
C MSE C 20 -20.01 2.57 -16.43
O MSE C 20 -19.19 2.88 -17.29
CB MSE C 20 -19.32 3.57 -14.18
CG MSE C 20 -19.38 2.39 -13.25
SE MSE C 20 -18.38 2.66 -11.56
CE MSE C 20 -19.91 3.27 -10.49
N GLY C 21 -20.61 1.38 -16.39
CA GLY C 21 -20.48 0.46 -17.50
C GLY C 21 -21.15 1.01 -18.76
N LEU C 22 -22.29 1.65 -18.59
CA LEU C 22 -22.99 2.26 -19.71
C LEU C 22 -22.26 3.52 -20.23
N ALA C 23 -21.66 4.29 -19.33
CA ALA C 23 -20.94 5.50 -19.75
C ALA C 23 -19.69 5.11 -20.52
N THR C 24 -19.16 3.92 -20.23
CA THR C 24 -17.97 3.45 -20.91
C THR C 24 -18.36 2.98 -22.32
N VAL C 25 -19.53 2.33 -22.41
CA VAL C 25 -20.06 1.91 -23.71
C VAL C 25 -20.27 3.11 -24.62
N ARG C 26 -20.87 4.16 -24.09
CA ARG C 26 -21.11 5.39 -24.85
C ARG C 26 -19.85 6.05 -25.41
N ARG C 27 -18.82 6.16 -24.59
CA ARG C 27 -17.59 6.82 -25.03
C ARG C 27 -16.93 5.96 -26.10
N LEU C 28 -17.04 4.64 -25.93
CA LEU C 28 -16.54 3.70 -26.93
C LEU C 28 -17.22 3.88 -28.27
N VAL C 29 -18.56 3.81 -28.26
CA VAL C 29 -19.34 3.95 -29.48
C VAL C 29 -19.16 5.33 -30.13
N GLU C 30 -18.98 6.36 -29.32
CA GLU C 30 -18.84 7.70 -29.88
C GLU C 30 -17.48 7.89 -30.52
N GLY C 31 -16.49 7.18 -30.03
CA GLY C 31 -15.17 7.20 -30.63
C GLY C 31 -15.02 6.26 -31.81
N GLY C 32 -16.10 5.53 -32.15
CA GLY C 32 -16.08 4.66 -33.32
C GLY C 32 -15.92 3.16 -33.07
N ALA C 33 -15.94 2.73 -31.81
CA ALA C 33 -15.76 1.31 -31.50
C ALA C 33 -17.05 0.50 -31.64
N GLU C 34 -16.90 -0.79 -31.92
CA GLU C 34 -18.04 -1.72 -31.94
C GLU C 34 -18.04 -2.45 -30.60
N VAL C 35 -19.16 -2.47 -29.90
CA VAL C 35 -19.16 -2.99 -28.53
C VAL C 35 -20.17 -4.13 -28.31
N LEU C 36 -19.75 -5.22 -27.69
CA LEU C 36 -20.72 -6.18 -27.17
C LEU C 36 -20.79 -5.98 -25.66
N LEU C 37 -21.98 -5.72 -25.12
CA LEU C 37 -22.12 -5.57 -23.68
C LEU C 37 -23.11 -6.59 -23.11
N THR C 38 -23.00 -6.88 -21.82
CA THR C 38 -23.95 -7.77 -21.15
C THR C 38 -24.66 -7.09 -19.97
N GLY C 39 -25.71 -7.73 -19.45
CA GLY C 39 -26.45 -7.26 -18.29
C GLY C 39 -27.59 -8.22 -18.00
N ARG C 40 -28.56 -7.80 -17.18
CA ARG C 40 -29.72 -8.65 -16.85
C ARG C 40 -31.09 -7.99 -17.08
N ASN C 41 -31.16 -6.67 -16.98
CA ASN C 41 -32.42 -5.95 -17.05
C ASN C 41 -33.01 -5.85 -18.46
N GLU C 42 -34.18 -6.47 -18.64
CA GLU C 42 -34.89 -6.52 -19.93
C GLU C 42 -35.02 -5.14 -20.56
N SER C 43 -35.61 -4.21 -19.82
CA SER C 43 -35.85 -2.85 -20.32
C SER C 43 -34.55 -2.12 -20.67
N ASN C 44 -33.54 -2.28 -19.82
CA ASN C 44 -32.22 -1.69 -20.04
C ASN C 44 -31.61 -2.17 -21.35
N ILE C 45 -31.61 -3.49 -21.52
CA ILE C 45 -31.08 -4.13 -22.72
C ILE C 45 -31.86 -3.77 -23.98
N ALA C 46 -33.18 -3.79 -23.89
CA ALA C 46 -34.01 -3.37 -25.00
C ALA C 46 -33.70 -1.93 -25.40
N ARG C 47 -33.63 -1.05 -24.40
CA ARG C 47 -33.39 0.38 -24.60
C ARG C 47 -32.08 0.64 -25.32
N ILE C 48 -31.05 -0.07 -24.89
CA ILE C 48 -29.72 0.11 -25.45
C ILE C 48 -29.63 -0.43 -26.88
N ARG C 49 -30.34 -1.53 -27.15
CA ARG C 49 -30.46 -2.02 -28.51
C ARG C 49 -31.06 -0.96 -29.40
N GLU C 50 -32.19 -0.41 -28.96
CA GLU C 50 -32.87 0.66 -29.68
C GLU C 50 -31.96 1.84 -29.97
N GLU C 51 -31.29 2.35 -28.93
CA GLU C 51 -30.50 3.56 -29.03
C GLU C 51 -29.34 3.44 -29.99
N PHE C 52 -28.65 2.30 -29.95
CA PHE C 52 -27.35 2.19 -30.59
C PHE C 52 -27.29 1.42 -31.91
N GLY C 53 -28.33 0.66 -32.23
CA GLY C 53 -28.39 -0.03 -33.51
C GLY C 53 -27.27 -1.04 -33.72
N PRO C 54 -26.60 -0.97 -34.88
CA PRO C 54 -25.60 -1.97 -35.27
C PRO C 54 -24.22 -1.77 -34.66
N ARG C 55 -24.04 -0.70 -33.89
CA ARG C 55 -22.74 -0.48 -33.23
C ARG C 55 -22.57 -1.30 -31.96
N VAL C 56 -23.70 -1.75 -31.40
CA VAL C 56 -23.62 -2.57 -30.20
C VAL C 56 -24.31 -3.90 -30.40
N HIS C 57 -23.83 -4.88 -29.63
CA HIS C 57 -24.50 -6.15 -29.52
C HIS C 57 -24.75 -6.29 -28.03
N ALA C 58 -26.02 -6.17 -27.65
CA ALA C 58 -26.39 -6.28 -26.23
C ALA C 58 -26.96 -7.66 -25.95
N LEU C 59 -26.32 -8.36 -25.01
CA LEU C 59 -26.73 -9.72 -24.61
C LEU C 59 -27.21 -9.78 -23.16
N ARG C 60 -28.32 -10.46 -22.94
CA ARG C 60 -28.77 -10.78 -21.60
C ARG C 60 -27.95 -11.98 -21.18
N SER C 61 -27.02 -11.78 -20.24
CA SER C 61 -26.09 -12.82 -19.83
C SER C 61 -25.70 -12.69 -18.35
N ASP C 62 -26.03 -13.70 -17.55
CA ASP C 62 -25.71 -13.69 -16.12
C ASP C 62 -24.24 -14.04 -15.90
N ILE C 63 -23.46 -13.07 -15.40
CA ILE C 63 -22.02 -13.28 -15.19
C ILE C 63 -21.75 -14.40 -14.18
N ALA C 64 -22.72 -14.67 -13.30
CA ALA C 64 -22.57 -15.72 -12.29
C ALA C 64 -22.84 -17.13 -12.82
N ASP C 65 -23.49 -17.22 -13.98
CA ASP C 65 -23.88 -18.51 -14.54
C ASP C 65 -22.85 -19.04 -15.54
N LEU C 66 -22.15 -20.11 -15.16
CA LEU C 66 -21.05 -20.65 -15.96
C LEU C 66 -21.52 -21.29 -17.26
N ASN C 67 -22.75 -21.81 -17.27
CA ASN C 67 -23.37 -22.25 -18.50
C ASN C 67 -23.57 -21.07 -19.46
N GLU C 68 -24.01 -19.94 -18.92
CA GLU C 68 -24.25 -18.76 -19.76
C GLU C 68 -22.96 -18.08 -20.22
N ILE C 69 -21.92 -18.19 -19.39
CA ILE C 69 -20.59 -17.69 -19.75
C ILE C 69 -20.06 -18.42 -20.98
N ALA C 70 -20.30 -19.73 -21.04
CA ALA C 70 -19.92 -20.53 -22.19
C ALA C 70 -20.66 -20.06 -23.45
N VAL C 71 -21.92 -19.69 -23.30
CA VAL C 71 -22.70 -19.26 -24.45
C VAL C 71 -22.24 -17.87 -24.91
N LEU C 72 -21.96 -16.99 -23.95
CA LEU C 72 -21.44 -15.66 -24.29
C LEU C 72 -20.15 -15.76 -25.09
N GLY C 73 -19.31 -16.74 -24.73
CA GLY C 73 -18.06 -17.01 -25.41
C GLY C 73 -18.26 -17.40 -26.86
N ALA C 74 -19.22 -18.29 -27.12
CA ALA C 74 -19.57 -18.65 -28.49
C ALA C 74 -20.09 -17.42 -29.20
N ALA C 75 -21.02 -16.72 -28.57
CA ALA C 75 -21.66 -15.55 -29.16
C ALA C 75 -20.65 -14.43 -29.46
N ALA C 76 -19.87 -14.06 -28.46
CA ALA C 76 -18.87 -13.01 -28.62
C ALA C 76 -17.91 -13.36 -29.77
N GLY C 77 -17.43 -14.58 -29.77
CA GLY C 77 -16.51 -15.03 -30.81
C GLY C 77 -17.18 -15.04 -32.18
N GLN C 78 -18.48 -15.26 -32.19
CA GLN C 78 -19.24 -15.36 -33.45
C GLN C 78 -19.58 -13.97 -33.99
N THR C 79 -19.79 -13.04 -33.07
CA THR C 79 -20.31 -11.71 -33.37
C THR C 79 -19.19 -10.68 -33.57
N LEU C 80 -18.13 -10.80 -32.76
CA LEU C 80 -17.04 -9.84 -32.79
C LEU C 80 -15.73 -10.44 -33.30
N GLY C 81 -15.48 -11.71 -33.00
CA GLY C 81 -14.18 -12.29 -33.25
C GLY C 81 -13.14 -11.65 -32.35
N ALA C 82 -12.02 -11.21 -32.91
CA ALA C 82 -10.93 -10.61 -32.13
C ALA C 82 -11.33 -9.25 -31.51
N ILE C 83 -10.87 -9.01 -30.27
CA ILE C 83 -11.17 -7.75 -29.57
C ILE C 83 -9.93 -7.07 -28.98
N ASP C 84 -10.06 -5.77 -28.67
CA ASP C 84 -8.96 -5.00 -28.12
C ASP C 84 -9.12 -4.71 -26.64
N LEU C 85 -10.36 -4.79 -26.15
CA LEU C 85 -10.61 -4.50 -24.74
C LEU C 85 -11.70 -5.37 -24.13
N LEU C 86 -11.37 -5.95 -22.98
CA LEU C 86 -12.34 -6.60 -22.13
C LEU C 86 -12.44 -5.75 -20.88
N HIS C 87 -13.62 -5.19 -20.65
CA HIS C 87 -13.89 -4.42 -19.45
C HIS C 87 -14.86 -5.19 -18.53
N ILE C 88 -14.39 -5.58 -17.35
CA ILE C 88 -15.23 -6.27 -16.38
C ILE C 88 -15.80 -5.25 -15.43
N ASN C 89 -17.08 -4.95 -15.56
CA ASN C 89 -17.70 -3.90 -14.73
C ASN C 89 -18.78 -4.41 -13.76
N ALA C 90 -19.35 -5.57 -14.05
CA ALA C 90 -20.50 -6.09 -13.30
C ALA C 90 -20.19 -6.27 -11.81
N GLY C 91 -21.14 -5.86 -10.96
CA GLY C 91 -20.99 -6.04 -9.51
C GLY C 91 -22.30 -5.91 -8.76
N VAL C 92 -22.42 -6.64 -7.66
CA VAL C 92 -23.55 -6.51 -6.74
C VAL C 92 -23.11 -6.28 -5.29
N SER C 93 -23.97 -5.61 -4.52
CA SER C 93 -23.68 -5.29 -3.13
C SER C 93 -24.88 -5.57 -2.26
N GLU C 94 -24.64 -6.21 -1.13
CA GLU C 94 -25.68 -6.43 -0.13
C GLU C 94 -25.14 -5.98 1.23
N LEU C 95 -25.63 -4.83 1.70
CA LEU C 95 -25.09 -4.25 2.92
C LEU C 95 -25.66 -4.91 4.17
N GLU C 96 -24.79 -5.49 4.97
CA GLU C 96 -25.23 -6.10 6.22
C GLU C 96 -24.07 -6.31 7.17
N PRO C 97 -24.34 -6.16 8.48
CA PRO C 97 -23.28 -6.38 9.46
C PRO C 97 -22.79 -7.80 9.36
N PHE C 98 -21.53 -8.04 9.71
CA PHE C 98 -20.87 -9.32 9.55
C PHE C 98 -21.62 -10.49 10.22
N ASP C 99 -22.26 -10.24 11.35
CA ASP C 99 -22.88 -11.32 12.11
C ASP C 99 -24.25 -11.67 11.56
N GLN C 100 -24.66 -10.96 10.51
CA GLN C 100 -25.96 -11.22 9.90
CA GLN C 100 -25.96 -11.22 9.90
C GLN C 100 -25.86 -11.76 8.48
N VAL C 101 -24.64 -11.77 7.93
CA VAL C 101 -24.42 -12.32 6.60
C VAL C 101 -24.85 -13.80 6.57
N SER C 102 -25.72 -14.15 5.62
CA SER C 102 -26.14 -15.55 5.47
C SER C 102 -25.26 -16.25 4.46
N GLU C 103 -25.34 -17.56 4.39
CA GLU C 103 -24.61 -18.28 3.35
C GLU C 103 -25.14 -17.86 1.98
N ALA C 104 -26.46 -17.68 1.89
CA ALA C 104 -27.08 -17.28 0.63
C ALA C 104 -26.60 -15.88 0.17
N SER C 105 -26.57 -14.93 1.08
CA SER C 105 -26.13 -13.58 0.72
C SER C 105 -24.63 -13.52 0.42
N TYR C 106 -23.84 -14.25 1.20
CA TYR C 106 -22.40 -14.34 0.94
C TYR C 106 -22.16 -14.86 -0.49
N ASP C 107 -22.88 -15.93 -0.84
CA ASP C 107 -22.69 -16.64 -2.10
C ASP C 107 -23.08 -15.79 -3.30
N ARG C 108 -24.15 -15.03 -3.16
CA ARG C 108 -24.62 -14.18 -4.26
C ARG C 108 -23.55 -13.16 -4.65
N GLN C 109 -22.93 -12.52 -3.68
CA GLN C 109 -21.97 -11.45 -3.98
C GLN C 109 -20.69 -11.98 -4.60
N PHE C 110 -20.16 -13.05 -4.02
CA PHE C 110 -18.98 -13.70 -4.59
C PHE C 110 -19.23 -14.36 -5.95
N ALA C 111 -20.45 -14.88 -6.18
CA ALA C 111 -20.75 -15.56 -7.44
C ALA C 111 -20.60 -14.59 -8.59
N VAL C 112 -21.13 -13.38 -8.39
CA VAL C 112 -21.07 -12.30 -9.37
C VAL C 112 -19.75 -11.52 -9.39
N ASN C 113 -19.31 -11.05 -8.23
CA ASN C 113 -18.21 -10.08 -8.17
C ASN C 113 -16.83 -10.66 -8.42
N THR C 114 -16.73 -11.97 -8.29
CA THR C 114 -15.42 -12.60 -8.20
C THR C 114 -15.32 -13.84 -9.08
N LYS C 115 -16.09 -14.88 -8.75
CA LYS C 115 -16.02 -16.13 -9.51
C LYS C 115 -16.48 -15.94 -10.95
N GLY C 116 -17.61 -15.25 -11.11
CA GLY C 116 -18.18 -15.02 -12.43
C GLY C 116 -17.27 -14.15 -13.26
N ALA C 117 -16.63 -13.19 -12.61
CA ALA C 117 -15.62 -12.36 -13.25
C ALA C 117 -14.45 -13.23 -13.70
N PHE C 118 -13.99 -14.10 -12.80
CA PHE C 118 -12.86 -14.96 -13.11
C PHE C 118 -13.14 -15.82 -14.32
N PHE C 119 -14.27 -16.52 -14.29
CA PHE C 119 -14.55 -17.43 -15.40
C PHE C 119 -14.97 -16.71 -16.69
N THR C 120 -15.51 -15.51 -16.57
CA THR C 120 -15.79 -14.70 -17.76
C THR C 120 -14.47 -14.27 -18.41
N VAL C 121 -13.51 -13.80 -17.62
CA VAL C 121 -12.19 -13.45 -18.14
C VAL C 121 -11.50 -14.66 -18.76
N GLN C 122 -11.58 -15.80 -18.08
CA GLN C 122 -10.97 -17.03 -18.58
C GLN C 122 -11.49 -17.38 -19.98
N ARG C 123 -12.79 -17.21 -20.17
CA ARG C 123 -13.46 -17.62 -21.41
C ARG C 123 -13.22 -16.66 -22.59
N LEU C 124 -13.06 -15.37 -22.28
CA LEU C 124 -13.01 -14.34 -23.32
C LEU C 124 -11.61 -13.83 -23.63
N THR C 125 -10.68 -14.07 -22.72
CA THR C 125 -9.27 -13.72 -22.93
C THR C 125 -8.65 -14.20 -24.26
N PRO C 126 -9.00 -15.43 -24.71
CA PRO C 126 -8.42 -15.86 -25.99
C PRO C 126 -8.76 -14.96 -27.17
N LEU C 127 -9.78 -14.10 -27.05
CA LEU C 127 -10.21 -13.24 -28.15
C LEU C 127 -9.36 -11.98 -28.22
N ILE C 128 -8.74 -11.62 -27.10
CA ILE C 128 -8.04 -10.35 -26.98
C ILE C 128 -6.78 -10.29 -27.84
N ARG C 129 -6.74 -9.30 -28.75
CA ARG C 129 -5.58 -9.10 -29.59
C ARG C 129 -4.36 -8.75 -28.76
N GLU C 130 -3.18 -9.05 -29.31
CA GLU C 130 -1.93 -8.51 -28.78
C GLU C 130 -2.01 -6.98 -28.79
N GLY C 131 -1.57 -6.36 -27.69
CA GLY C 131 -1.66 -4.93 -27.56
C GLY C 131 -2.97 -4.49 -26.95
N GLY C 132 -3.89 -5.45 -26.76
CA GLY C 132 -5.17 -5.17 -26.15
C GLY C 132 -5.01 -5.09 -24.66
N SER C 133 -6.11 -4.94 -23.93
CA SER C 133 -6.04 -4.93 -22.48
C SER C 133 -7.32 -5.34 -21.78
N ILE C 134 -7.21 -5.60 -20.50
CA ILE C 134 -8.35 -5.87 -19.66
C ILE C 134 -8.39 -4.78 -18.59
N VAL C 135 -9.58 -4.28 -18.29
CA VAL C 135 -9.73 -3.36 -17.17
C VAL C 135 -10.83 -3.89 -16.25
N PHE C 136 -10.54 -3.92 -14.96
CA PHE C 136 -11.52 -4.36 -13.97
C PHE C 136 -12.08 -3.15 -13.24
N THR C 137 -13.39 -3.12 -12.99
CA THR C 137 -13.93 -2.10 -12.10
C THR C 137 -13.89 -2.63 -10.67
N SER C 138 -13.08 -2.02 -9.83
CA SER C 138 -13.03 -2.42 -8.44
C SER C 138 -13.86 -1.46 -7.62
N SER C 139 -13.34 -1.10 -6.45
CA SER C 139 -14.03 -0.16 -5.58
C SER C 139 -13.06 0.38 -4.60
N VAL C 140 -13.32 1.58 -4.07
CA VAL C 140 -12.51 2.12 -3.00
C VAL C 140 -12.60 1.17 -1.79
N ALA C 141 -13.62 0.32 -1.77
CA ALA C 141 -13.83 -0.61 -0.67
C ALA C 141 -12.86 -1.78 -0.72
N ASP C 142 -12.06 -1.87 -1.78
CA ASP C 142 -11.13 -2.99 -1.92
C ASP C 142 -9.92 -2.94 -0.96
N GLU C 143 -9.80 -1.86 -0.20
CA GLU C 143 -8.79 -1.76 0.85
C GLU C 143 -9.47 -1.16 2.06
N GLY C 144 -9.07 -1.58 3.25
CA GLY C 144 -9.61 -0.98 4.45
C GLY C 144 -10.90 -1.64 4.90
N GLY C 145 -11.48 -1.08 5.96
CA GLY C 145 -12.55 -1.75 6.71
C GLY C 145 -13.77 -0.87 6.83
N HIS C 146 -14.84 -1.27 6.14
CA HIS C 146 -16.05 -0.48 6.10
C HIS C 146 -17.20 -1.33 6.60
N PRO C 147 -17.68 -1.04 7.83
CA PRO C 147 -18.77 -1.78 8.49
C PRO C 147 -19.95 -1.98 7.55
N GLY C 148 -20.46 -3.21 7.47
CA GLY C 148 -21.61 -3.51 6.65
C GLY C 148 -21.25 -4.03 5.27
N MSE C 149 -19.96 -3.99 4.93
CA MSE C 149 -19.56 -4.29 3.57
C MSE C 149 -18.48 -5.35 3.53
O MSE C 149 -17.67 -5.37 2.62
CB MSE C 149 -19.07 -3.02 2.88
CG MSE C 149 -20.18 -2.05 2.56
SE MSE C 149 -19.66 -0.22 2.09
CE MSE C 149 -18.29 -0.63 0.84
N SER C 150 -18.48 -6.23 4.52
CA SER C 150 -17.46 -7.26 4.61
C SER C 150 -17.42 -8.06 3.32
N VAL C 151 -18.58 -8.55 2.89
CA VAL C 151 -18.56 -9.43 1.73
C VAL C 151 -18.20 -8.69 0.45
N TYR C 152 -18.83 -7.55 0.23
CA TYR C 152 -18.58 -6.79 -0.97
C TYR C 152 -17.10 -6.39 -1.05
N SER C 153 -16.55 -5.93 0.06
CA SER C 153 -15.17 -5.45 0.06
C SER C 153 -14.19 -6.58 -0.27
N ALA C 154 -14.41 -7.74 0.34
CA ALA C 154 -13.54 -8.89 0.10
C ALA C 154 -13.62 -9.36 -1.33
N SER C 155 -14.79 -9.23 -1.92
CA SER C 155 -15.03 -9.77 -3.25
C SER C 155 -14.27 -8.93 -4.26
N LYS C 156 -14.25 -7.62 -4.04
CA LYS C 156 -13.49 -6.70 -4.87
C LYS C 156 -11.99 -6.79 -4.61
N ALA C 157 -11.62 -7.07 -3.36
CA ALA C 157 -10.21 -7.28 -3.03
C ALA C 157 -9.66 -8.50 -3.79
N ALA C 158 -10.51 -9.52 -3.94
CA ALA C 158 -10.10 -10.72 -4.68
C ALA C 158 -9.93 -10.40 -6.17
N LEU C 159 -10.83 -9.58 -6.68
CA LEU C 159 -10.79 -9.11 -8.08
C LEU C 159 -9.46 -8.39 -8.36
N VAL C 160 -9.10 -7.44 -7.51
CA VAL C 160 -7.83 -6.72 -7.62
C VAL C 160 -6.63 -7.66 -7.67
N SER C 161 -6.72 -8.75 -6.92
CA SER C 161 -5.65 -9.75 -6.88
C SER C 161 -5.57 -10.47 -8.21
N PHE C 162 -6.73 -10.93 -8.69
CA PHE C 162 -6.84 -11.52 -10.03
C PHE C 162 -6.18 -10.64 -11.07
N ALA C 163 -6.47 -9.34 -11.01
CA ALA C 163 -5.90 -8.40 -11.98
C ALA C 163 -4.37 -8.44 -11.97
N SER C 164 -3.78 -8.53 -10.78
CA SER C 164 -2.33 -8.57 -10.68
C SER C 164 -1.75 -9.83 -11.32
N VAL C 165 -2.30 -10.99 -10.95
CA VAL C 165 -1.79 -12.27 -11.45
CA VAL C 165 -1.76 -12.25 -11.45
C VAL C 165 -1.99 -12.38 -12.95
N LEU C 166 -3.10 -11.84 -13.43
CA LEU C 166 -3.35 -11.84 -14.87
C LEU C 166 -2.35 -10.95 -15.58
N ALA C 167 -2.04 -9.80 -14.97
CA ALA C 167 -1.06 -8.88 -15.56
C ALA C 167 0.27 -9.59 -15.73
N ALA C 168 0.59 -10.45 -14.77
CA ALA C 168 1.82 -11.22 -14.83
C ALA C 168 1.74 -12.37 -15.84
N GLU C 169 0.65 -13.13 -15.82
CA GLU C 169 0.55 -14.28 -16.72
C GLU C 169 0.42 -13.85 -18.17
N LEU C 170 -0.12 -12.67 -18.39
CA LEU C 170 -0.38 -12.24 -19.77
C LEU C 170 0.70 -11.35 -20.39
N LEU C 171 1.82 -11.17 -19.69
CA LEU C 171 2.97 -10.46 -20.27
C LEU C 171 3.48 -10.99 -21.63
N PRO C 172 3.56 -12.33 -21.81
CA PRO C 172 4.07 -12.81 -23.10
C PRO C 172 3.10 -12.62 -24.29
N ARG C 173 1.84 -12.29 -24.01
CA ARG C 173 0.87 -12.01 -25.06
C ARG C 173 0.80 -10.50 -25.37
N GLY C 174 1.49 -9.70 -24.59
CA GLY C 174 1.42 -8.26 -24.73
C GLY C 174 0.04 -7.71 -24.40
N ILE C 175 -0.58 -8.26 -23.37
CA ILE C 175 -1.89 -7.80 -22.92
C ILE C 175 -1.79 -7.18 -21.52
N ARG C 176 -2.13 -5.90 -21.41
CA ARG C 176 -2.04 -5.18 -20.15
C ARG C 176 -3.30 -5.37 -19.31
N VAL C 177 -3.14 -5.43 -17.99
CA VAL C 177 -4.27 -5.66 -17.11
C VAL C 177 -4.25 -4.67 -15.97
N ASN C 178 -5.28 -3.82 -15.92
CA ASN C 178 -5.34 -2.77 -14.91
C ASN C 178 -6.70 -2.67 -14.23
N SER C 179 -6.78 -1.85 -13.18
CA SER C 179 -8.04 -1.68 -12.45
C SER C 179 -8.33 -0.21 -12.18
N VAL C 180 -9.61 0.16 -12.24
CA VAL C 180 -10.10 1.43 -11.73
C VAL C 180 -10.76 1.17 -10.38
N SER C 181 -10.55 2.08 -9.41
CA SER C 181 -11.12 1.94 -8.09
C SER C 181 -12.03 3.11 -7.78
N PRO C 182 -13.30 3.01 -8.20
CA PRO C 182 -14.25 4.12 -8.00
C PRO C 182 -14.64 4.29 -6.53
N GLY C 183 -14.92 5.52 -6.15
CA GLY C 183 -15.53 5.82 -4.85
C GLY C 183 -17.03 5.85 -5.00
N PHE C 184 -17.67 6.87 -4.42
CA PHE C 184 -19.09 7.10 -4.60
C PHE C 184 -19.35 7.72 -5.98
N ILE C 185 -20.10 7.01 -6.83
CA ILE C 185 -20.41 7.52 -8.17
C ILE C 185 -21.92 7.65 -8.33
N ASP C 186 -22.39 8.80 -8.80
CA ASP C 186 -23.83 9.07 -8.90
C ASP C 186 -24.43 8.50 -10.20
N THR C 187 -25.68 8.04 -10.14
CA THR C 187 -26.39 7.58 -11.33
C THR C 187 -26.89 8.74 -12.19
N LYS C 190 -35.04 11.99 -14.82
CA LYS C 190 -34.56 10.61 -14.77
C LYS C 190 -34.25 10.12 -13.34
N GLY C 191 -35.30 9.82 -12.58
CA GLY C 191 -36.67 10.00 -13.03
C GLY C 191 -37.44 8.70 -13.24
N VAL C 192 -37.00 7.61 -12.61
CA VAL C 192 -37.78 6.37 -12.54
C VAL C 192 -37.92 5.94 -11.07
N ALA C 193 -39.07 5.37 -10.71
CA ALA C 193 -39.32 4.96 -9.32
C ALA C 193 -39.04 3.49 -9.04
N GLY C 194 -38.62 3.20 -7.80
CA GLY C 194 -38.36 1.85 -7.34
C GLY C 194 -37.64 1.87 -6.00
N ILE C 195 -37.60 0.73 -5.29
CA ILE C 195 -36.89 0.70 -4.01
C ILE C 195 -35.37 0.71 -4.13
N THR C 196 -34.85 0.25 -5.27
CA THR C 196 -33.42 0.39 -5.54
C THR C 196 -33.08 1.87 -5.54
N GLU C 197 -33.82 2.61 -6.36
CA GLU C 197 -33.54 4.02 -6.63
C GLU C 197 -33.70 4.93 -5.40
N ALA C 198 -34.40 4.44 -4.39
CA ALA C 198 -34.48 5.13 -3.10
C ALA C 198 -33.22 4.87 -2.26
N GLU C 199 -32.78 3.61 -2.26
CA GLU C 199 -31.54 3.21 -1.59
C GLU C 199 -30.32 3.91 -2.20
N ARG C 200 -30.30 4.06 -3.54
CA ARG C 200 -29.24 4.78 -4.24
C ARG C 200 -29.13 6.23 -3.75
N ALA C 201 -30.28 6.85 -3.53
CA ALA C 201 -30.31 8.23 -3.05
C ALA C 201 -29.64 8.42 -1.69
N GLU C 202 -30.02 7.60 -0.71
CA GLU C 202 -29.44 7.69 0.64
C GLU C 202 -27.92 7.52 0.63
N PHE C 203 -27.44 6.62 -0.22
CA PHE C 203 -26.01 6.34 -0.34
C PHE C 203 -25.26 7.50 -0.98
N LYS C 204 -25.84 8.06 -2.04
CA LYS C 204 -25.30 9.26 -2.68
C LYS C 204 -25.05 10.35 -1.64
N THR C 205 -26.03 10.54 -0.77
CA THR C 205 -25.95 11.57 0.26
C THR C 205 -24.79 11.32 1.22
N LEU C 206 -24.57 10.06 1.58
CA LEU C 206 -23.46 9.69 2.44
C LEU C 206 -22.14 10.05 1.77
N GLY C 207 -22.07 9.78 0.47
CA GLY C 207 -20.86 10.02 -0.31
C GLY C 207 -20.50 11.48 -0.40
N ASP C 208 -21.52 12.33 -0.41
CA ASP C 208 -21.32 13.77 -0.52
C ASP C 208 -20.54 14.34 0.66
N ASN C 209 -20.74 13.76 1.84
CA ASN C 209 -20.16 14.34 3.06
C ASN C 209 -19.06 13.54 3.74
N ILE C 210 -18.67 12.40 3.17
CA ILE C 210 -17.46 11.69 3.63
C ILE C 210 -16.34 11.70 2.59
N THR C 211 -16.69 11.91 1.32
CA THR C 211 -15.68 12.05 0.29
C THR C 211 -14.95 13.37 0.52
N PRO C 212 -13.60 13.34 0.49
CA PRO C 212 -12.84 14.58 0.74
C PRO C 212 -13.15 15.73 -0.25
N MSE C 213 -13.41 15.40 -1.51
CA MSE C 213 -13.79 16.41 -2.50
C MSE C 213 -15.24 16.83 -2.37
O MSE C 213 -15.70 17.75 -3.05
CB MSE C 213 -13.51 15.93 -3.92
CG MSE C 213 -12.02 15.91 -4.25
SE MSE C 213 -11.61 15.49 -6.13
CE MSE C 213 -12.73 16.86 -6.91
N LYS C 214 -15.96 16.16 -1.46
CA LYS C 214 -17.30 16.57 -1.04
C LYS C 214 -18.38 16.50 -2.12
N ARG C 215 -18.27 15.52 -3.02
CA ARG C 215 -19.30 15.26 -4.03
C ARG C 215 -19.13 13.81 -4.51
N ASN C 216 -20.14 13.28 -5.20
CA ASN C 216 -19.99 11.98 -5.84
C ASN C 216 -19.29 12.21 -7.17
N GLY C 217 -18.69 11.16 -7.72
CA GLY C 217 -18.12 11.22 -9.05
C GLY C 217 -19.18 10.94 -10.10
N THR C 218 -18.89 11.23 -11.37
CA THR C 218 -19.83 10.94 -12.45
C THR C 218 -19.45 9.65 -13.15
N ALA C 219 -20.40 9.01 -13.83
CA ALA C 219 -20.09 7.80 -14.59
C ALA C 219 -19.05 8.06 -15.69
N ASP C 220 -19.17 9.22 -16.33
CA ASP C 220 -18.22 9.65 -17.36
C ASP C 220 -16.80 9.77 -16.82
N GLU C 221 -16.65 10.22 -15.57
CA GLU C 221 -15.32 10.30 -14.97
C GLU C 221 -14.70 8.90 -14.84
N VAL C 222 -15.49 7.91 -14.45
CA VAL C 222 -14.99 6.53 -14.39
C VAL C 222 -14.68 6.01 -15.81
N ALA C 223 -15.62 6.19 -16.74
CA ALA C 223 -15.42 5.82 -18.14
C ALA C 223 -14.14 6.41 -18.74
N ARG C 224 -13.88 7.69 -18.50
CA ARG C 224 -12.65 8.31 -19.01
C ARG C 224 -11.42 7.61 -18.44
N ALA C 225 -11.48 7.21 -17.18
CA ALA C 225 -10.35 6.51 -16.59
C ALA C 225 -10.19 5.09 -17.12
N VAL C 226 -11.30 4.40 -17.39
CA VAL C 226 -11.23 3.05 -17.94
C VAL C 226 -10.60 3.08 -19.35
N LEU C 227 -10.99 4.08 -20.11
CA LEU C 227 -10.55 4.15 -21.51
C LEU C 227 -9.14 4.74 -21.65
N PHE C 228 -8.71 5.52 -20.67
CA PHE C 228 -7.31 5.90 -20.60
C PHE C 228 -6.44 4.65 -20.41
N LEU C 229 -6.77 3.86 -19.39
CA LEU C 229 -6.04 2.63 -19.10
C LEU C 229 -6.10 1.66 -20.27
N ALA C 230 -7.25 1.63 -20.95
CA ALA C 230 -7.42 0.69 -22.05
C ALA C 230 -6.53 1.04 -23.25
N PHE C 231 -6.47 2.31 -23.59
CA PHE C 231 -5.86 2.70 -24.87
C PHE C 231 -4.67 3.65 -24.80
N GLU C 232 -4.48 4.31 -23.67
CA GLU C 232 -3.46 5.37 -23.59
C GLU C 232 -2.29 5.03 -22.66
N ALA C 233 -2.54 4.18 -21.68
CA ALA C 233 -1.53 3.79 -20.70
C ALA C 233 -0.82 2.55 -21.19
N THR C 234 -0.09 2.70 -22.28
CA THR C 234 0.55 1.57 -22.97
C THR C 234 1.80 1.03 -22.25
N PHE C 235 2.22 1.70 -21.19
CA PHE C 235 3.34 1.24 -20.36
C PHE C 235 2.86 1.05 -18.93
N THR C 236 1.59 0.71 -18.79
CA THR C 236 0.97 0.54 -17.47
C THR C 236 0.29 -0.84 -17.42
N THR C 237 0.66 -1.67 -16.46
CA THR C 237 -0.02 -2.95 -16.23
C THR C 237 0.13 -3.37 -14.77
N GLY C 238 -0.86 -4.10 -14.26
CA GLY C 238 -0.86 -4.50 -12.86
C GLY C 238 -1.16 -3.33 -11.92
N ALA C 239 -1.67 -2.24 -12.46
CA ALA C 239 -1.81 -1.00 -11.70
C ALA C 239 -3.26 -0.71 -11.34
N LYS C 240 -3.43 0.20 -10.40
CA LYS C 240 -4.76 0.63 -9.94
C LYS C 240 -4.88 2.16 -10.10
N LEU C 241 -6.06 2.62 -10.48
CA LEU C 241 -6.33 4.06 -10.68
C LEU C 241 -7.58 4.49 -9.93
N ALA C 242 -7.40 5.34 -8.91
CA ALA C 242 -8.51 5.79 -8.07
C ALA C 242 -9.34 6.88 -8.73
N VAL C 243 -10.66 6.72 -8.69
CA VAL C 243 -11.59 7.74 -9.12
C VAL C 243 -12.58 7.89 -7.96
N ASP C 244 -12.10 8.45 -6.86
CA ASP C 244 -12.81 8.39 -5.60
C ASP C 244 -12.89 9.72 -4.86
N GLY C 245 -12.51 10.81 -5.52
CA GLY C 245 -12.49 12.11 -4.89
C GLY C 245 -11.58 12.12 -3.65
N GLY C 246 -10.60 11.22 -3.63
CA GLY C 246 -9.61 11.16 -2.57
C GLY C 246 -9.99 10.25 -1.40
N LEU C 247 -11.17 9.63 -1.47
CA LEU C 247 -11.67 8.82 -0.35
C LEU C 247 -10.74 7.68 0.03
N GLY C 248 -10.08 7.09 -0.97
CA GLY C 248 -9.17 6.00 -0.70
C GLY C 248 -7.74 6.40 -0.38
N GLN C 249 -7.42 7.71 -0.37
CA GLN C 249 -6.02 8.14 -0.34
C GLN C 249 -5.55 8.71 0.98
N LYS C 250 -6.29 8.43 2.07
CA LYS C 250 -5.85 8.82 3.41
C LYS C 250 -5.66 10.33 3.62
N LEU C 251 -6.67 11.10 3.22
CA LEU C 251 -6.63 12.54 3.45
C LEU C 251 -7.49 12.87 4.67
N SER C 252 -6.87 13.43 5.71
CA SER C 252 -7.61 13.83 6.91
C SER C 252 -8.36 15.14 6.71
N GLY D 4 -9.52 21.44 -30.24
CA GLY D 4 -9.27 22.55 -29.34
C GLY D 4 -9.38 22.11 -27.89
N ASN D 5 -8.65 21.06 -27.55
CA ASN D 5 -8.78 20.48 -26.21
CA ASN D 5 -8.68 20.43 -26.23
C ASN D 5 -8.14 21.30 -25.09
N TYR D 6 -6.89 21.71 -25.22
CA TYR D 6 -6.24 22.52 -24.19
C TYR D 6 -6.36 24.00 -24.49
N GLN D 7 -7.25 24.34 -25.42
CA GLN D 7 -7.53 25.71 -25.81
C GLN D 7 -7.93 26.59 -24.62
N GLY D 8 -7.21 27.69 -24.42
CA GLY D 8 -7.56 28.61 -23.34
C GLY D 8 -7.01 28.16 -22.00
N LYS D 9 -6.30 27.04 -22.00
CA LYS D 9 -5.66 26.56 -20.77
C LYS D 9 -4.23 27.09 -20.70
N LYS D 10 -3.73 27.18 -19.48
CA LYS D 10 -2.40 27.72 -19.23
C LYS D 10 -1.66 26.80 -18.26
N ALA D 11 -0.45 26.42 -18.63
CA ALA D 11 0.34 25.49 -17.83
C ALA D 11 1.76 25.98 -17.60
N ILE D 12 2.27 25.69 -16.41
CA ILE D 12 3.68 25.85 -16.09
C ILE D 12 4.31 24.46 -15.93
N VAL D 13 5.33 24.17 -16.72
CA VAL D 13 6.11 22.95 -16.55
C VAL D 13 7.49 23.27 -15.98
N ILE D 14 7.74 22.88 -14.73
CA ILE D 14 9.05 23.09 -14.12
C ILE D 14 9.95 21.95 -14.59
N GLY D 15 11.05 22.27 -15.27
CA GLY D 15 11.88 21.25 -15.90
C GLY D 15 11.25 20.69 -17.17
N GLY D 16 10.91 21.56 -18.12
CA GLY D 16 10.27 21.14 -19.36
C GLY D 16 11.12 21.27 -20.62
N THR D 17 12.41 21.49 -20.44
CA THR D 17 13.34 21.64 -21.55
C THR D 17 13.81 20.32 -22.12
N HIS D 18 13.39 19.22 -21.50
CA HIS D 18 14.11 17.96 -21.65
C HIS D 18 13.16 16.80 -21.36
N GLY D 19 13.35 15.68 -22.07
CA GLY D 19 12.65 14.43 -21.79
C GLY D 19 11.16 14.48 -21.48
N MSE D 20 10.78 13.95 -20.32
CA MSE D 20 9.38 13.87 -19.91
C MSE D 20 8.70 15.22 -19.83
O MSE D 20 7.57 15.36 -20.28
CB MSE D 20 9.28 13.15 -18.56
CG MSE D 20 9.79 11.75 -18.59
SE MSE D 20 9.76 10.87 -16.83
CE MSE D 20 11.42 9.88 -17.13
N GLY D 21 9.37 16.19 -19.23
CA GLY D 21 8.84 17.55 -19.21
C GLY D 21 8.59 18.10 -20.60
N LEU D 22 9.58 17.94 -21.48
CA LEU D 22 9.47 18.44 -22.86
C LEU D 22 8.40 17.70 -23.67
N ALA D 23 8.30 16.39 -23.49
CA ALA D 23 7.23 15.64 -24.14
C ALA D 23 5.87 16.16 -23.66
N THR D 24 5.80 16.56 -22.40
CA THR D 24 4.58 17.11 -21.84
C THR D 24 4.32 18.49 -22.46
N VAL D 25 5.38 19.28 -22.64
CA VAL D 25 5.26 20.58 -23.31
C VAL D 25 4.76 20.43 -24.74
N ARG D 26 5.24 19.41 -25.45
CA ARG D 26 4.84 19.24 -26.85
C ARG D 26 3.35 18.97 -26.98
N ARG D 27 2.82 18.11 -26.11
CA ARG D 27 1.40 17.78 -26.18
C ARG D 27 0.54 18.98 -25.79
N LEU D 28 0.99 19.74 -24.80
CA LEU D 28 0.29 20.95 -24.37
C LEU D 28 0.19 21.97 -25.51
N VAL D 29 1.30 22.23 -26.19
CA VAL D 29 1.34 23.22 -27.26
C VAL D 29 0.55 22.77 -28.47
N GLU D 30 0.63 21.49 -28.81
CA GLU D 30 -0.12 20.99 -29.96
C GLU D 30 -1.61 20.89 -29.65
N GLY D 31 -1.91 20.80 -28.36
CA GLY D 31 -3.30 20.85 -27.92
C GLY D 31 -3.83 22.27 -27.79
N GLY D 32 -2.95 23.25 -27.99
CA GLY D 32 -3.38 24.65 -28.04
C GLY D 32 -3.28 25.42 -26.73
N ALA D 33 -2.52 24.90 -25.78
CA ALA D 33 -2.36 25.55 -24.48
C ALA D 33 -1.21 26.55 -24.50
N GLU D 34 -1.27 27.55 -23.62
CA GLU D 34 -0.15 28.47 -23.44
C GLU D 34 0.73 27.96 -22.31
N VAL D 35 2.03 27.81 -22.56
CA VAL D 35 2.93 27.13 -21.63
C VAL D 35 4.13 27.98 -21.25
N LEU D 36 4.44 28.01 -19.96
CA LEU D 36 5.68 28.59 -19.44
C LEU D 36 6.50 27.46 -18.85
N LEU D 37 7.75 27.33 -19.30
CA LEU D 37 8.57 26.22 -18.80
C LEU D 37 9.91 26.74 -18.28
N THR D 38 10.49 25.99 -17.36
CA THR D 38 11.80 26.33 -16.81
C THR D 38 12.79 25.21 -17.00
N GLY D 39 14.07 25.57 -16.88
CA GLY D 39 15.17 24.64 -16.95
C GLY D 39 16.40 25.34 -16.43
N ARG D 40 17.49 24.60 -16.24
CA ARG D 40 18.74 25.17 -15.73
C ARG D 40 19.76 25.40 -16.84
N ASN D 41 19.89 24.41 -17.72
CA ASN D 41 20.94 24.34 -18.72
C ASN D 41 20.77 25.35 -19.85
N GLU D 42 21.84 26.09 -20.16
CA GLU D 42 21.78 27.13 -21.19
C GLU D 42 21.45 26.57 -22.57
N SER D 43 22.02 25.42 -22.90
CA SER D 43 21.87 24.84 -24.22
C SER D 43 20.44 24.41 -24.50
N ASN D 44 19.80 23.81 -23.50
CA ASN D 44 18.43 23.31 -23.64
C ASN D 44 17.42 24.44 -23.81
N ILE D 45 17.61 25.53 -23.07
CA ILE D 45 16.79 26.73 -23.22
C ILE D 45 16.95 27.33 -24.62
N ALA D 46 18.19 27.40 -25.09
CA ALA D 46 18.49 27.96 -26.40
C ALA D 46 17.74 27.20 -27.50
N ARG D 47 17.80 25.88 -27.46
CA ARG D 47 17.08 25.04 -28.42
C ARG D 47 15.59 25.34 -28.42
N ILE D 48 14.99 25.31 -27.23
CA ILE D 48 13.57 25.59 -27.06
C ILE D 48 13.13 26.95 -27.62
N ARG D 49 13.85 28.01 -27.25
CA ARG D 49 13.57 29.37 -27.72
C ARG D 49 13.61 29.49 -29.23
N GLU D 50 14.32 28.59 -29.89
CA GLU D 50 14.40 28.58 -31.34
C GLU D 50 13.27 27.75 -31.96
N GLU D 51 13.11 26.53 -31.46
CA GLU D 51 12.14 25.58 -31.99
C GLU D 51 10.68 26.03 -31.85
N PHE D 52 10.37 26.73 -30.77
CA PHE D 52 8.97 27.02 -30.45
C PHE D 52 8.49 28.46 -30.72
N GLY D 53 9.21 29.45 -30.20
CA GLY D 53 8.74 30.82 -30.26
C GLY D 53 7.75 31.15 -29.17
N PRO D 54 7.41 32.45 -29.02
CA PRO D 54 6.57 33.03 -27.97
C PRO D 54 5.17 32.44 -27.71
N ARG D 55 4.83 31.29 -28.27
CA ARG D 55 3.66 30.57 -27.77
C ARG D 55 4.10 29.81 -26.51
N VAL D 56 5.39 29.55 -26.42
CA VAL D 56 5.98 29.06 -25.17
C VAL D 56 7.03 30.03 -24.63
N HIS D 57 7.05 30.16 -23.31
CA HIS D 57 7.98 31.03 -22.61
C HIS D 57 9.02 30.19 -21.88
N ALA D 58 10.24 30.17 -22.40
CA ALA D 58 11.32 29.41 -21.77
C ALA D 58 12.05 30.32 -20.79
N LEU D 59 12.10 29.94 -19.52
CA LEU D 59 12.83 30.73 -18.53
C LEU D 59 13.91 29.88 -17.90
N ARG D 60 15.14 30.38 -17.89
CA ARG D 60 16.21 29.68 -17.16
C ARG D 60 16.07 30.03 -15.68
N SER D 61 15.98 29.01 -14.84
CA SER D 61 15.67 29.22 -13.44
C SER D 61 16.01 27.98 -12.64
N ASP D 62 16.84 28.13 -11.61
CA ASP D 62 17.28 27.01 -10.79
C ASP D 62 16.22 26.69 -9.73
N ILE D 63 15.66 25.47 -9.80
CA ILE D 63 14.63 25.05 -8.85
C ILE D 63 15.11 25.10 -7.39
N ALA D 64 16.42 25.05 -7.17
CA ALA D 64 16.99 24.96 -5.83
C ALA D 64 17.19 26.30 -5.15
N ASP D 65 17.08 27.38 -5.93
CA ASP D 65 17.37 28.74 -5.44
C ASP D 65 16.08 29.44 -5.10
N LEU D 66 15.89 29.73 -3.82
CA LEU D 66 14.65 30.33 -3.33
C LEU D 66 14.46 31.77 -3.81
N ASN D 67 15.57 32.48 -4.03
CA ASN D 67 15.49 33.81 -4.58
C ASN D 67 15.02 33.73 -6.02
N GLU D 68 15.54 32.74 -6.77
CA GLU D 68 15.15 32.58 -8.17
CA GLU D 68 15.15 32.60 -8.16
C GLU D 68 13.67 32.23 -8.26
N ILE D 69 13.20 31.43 -7.31
CA ILE D 69 11.80 31.00 -7.25
C ILE D 69 10.87 32.22 -7.11
N ALA D 70 11.24 33.15 -6.24
CA ALA D 70 10.45 34.37 -6.07
C ALA D 70 10.35 35.18 -7.37
N VAL D 71 11.45 35.30 -8.09
CA VAL D 71 11.41 36.04 -9.35
C VAL D 71 10.61 35.22 -10.36
N LEU D 72 10.76 33.90 -10.32
CA LEU D 72 10.00 33.04 -11.23
C LEU D 72 8.49 33.23 -11.03
N GLY D 73 8.04 33.27 -9.77
CA GLY D 73 6.63 33.48 -9.48
C GLY D 73 6.12 34.83 -9.95
N ALA D 74 6.94 35.86 -9.82
CA ALA D 74 6.57 37.18 -10.32
C ALA D 74 6.40 37.18 -11.82
N ALA D 75 7.33 36.55 -12.53
CA ALA D 75 7.25 36.52 -13.99
C ALA D 75 6.04 35.71 -14.49
N ALA D 76 5.82 34.54 -13.90
CA ALA D 76 4.71 33.67 -14.29
C ALA D 76 3.38 34.39 -14.14
N GLY D 77 3.15 34.95 -12.94
CA GLY D 77 1.96 35.74 -12.68
C GLY D 77 1.78 36.86 -13.70
N GLN D 78 2.86 37.53 -14.07
CA GLN D 78 2.80 38.57 -15.08
C GLN D 78 2.40 38.01 -16.44
N THR D 79 3.07 36.95 -16.86
CA THR D 79 2.86 36.40 -18.19
C THR D 79 1.53 35.67 -18.33
N LEU D 80 1.30 34.70 -17.45
CA LEU D 80 0.13 33.85 -17.53
C LEU D 80 -1.08 34.40 -16.79
N GLY D 81 -0.84 35.01 -15.63
CA GLY D 81 -1.93 35.58 -14.85
C GLY D 81 -2.48 34.54 -13.90
N ALA D 82 -3.00 33.45 -14.47
CA ALA D 82 -3.51 32.33 -13.68
C ALA D 82 -3.47 31.08 -14.53
N ILE D 83 -3.26 29.93 -13.89
CA ILE D 83 -3.02 28.70 -14.63
C ILE D 83 -3.95 27.56 -14.26
N ASP D 84 -3.96 26.54 -15.10
CA ASP D 84 -4.82 25.37 -14.93
C ASP D 84 -4.00 24.17 -14.50
N LEU D 85 -2.72 24.16 -14.87
CA LEU D 85 -1.83 23.06 -14.52
C LEU D 85 -0.43 23.53 -14.11
N LEU D 86 0.02 23.02 -12.97
CA LEU D 86 1.41 23.16 -12.56
C LEU D 86 2.03 21.77 -12.54
N HIS D 87 2.96 21.52 -13.46
CA HIS D 87 3.64 20.23 -13.54
C HIS D 87 5.07 20.33 -12.99
N ILE D 88 5.35 19.63 -11.90
CA ILE D 88 6.70 19.57 -11.34
C ILE D 88 7.49 18.38 -11.91
N ASN D 89 8.50 18.66 -12.71
CA ASN D 89 9.20 17.57 -13.39
C ASN D 89 10.70 17.46 -13.07
N ALA D 90 11.32 18.58 -12.72
CA ALA D 90 12.77 18.58 -12.47
C ALA D 90 13.22 17.58 -11.40
N GLY D 91 14.26 16.79 -11.72
CA GLY D 91 14.83 15.83 -10.79
C GLY D 91 16.26 15.48 -11.15
N VAL D 92 17.09 15.24 -10.13
CA VAL D 92 18.47 14.82 -10.35
C VAL D 92 18.79 13.59 -9.50
N SER D 93 19.79 12.81 -9.92
CA SER D 93 20.18 11.60 -9.20
CA SER D 93 20.17 11.60 -9.21
C SER D 93 21.68 11.36 -9.26
N GLU D 94 22.24 10.84 -8.18
CA GLU D 94 23.64 10.45 -8.12
C GLU D 94 23.69 9.07 -7.50
N LEU D 95 24.07 8.08 -8.28
CA LEU D 95 24.01 6.69 -7.82
C LEU D 95 25.26 6.30 -7.04
N GLU D 96 25.09 6.00 -5.77
CA GLU D 96 26.21 5.53 -4.94
C GLU D 96 25.71 4.69 -3.76
N PRO D 97 26.52 3.71 -3.35
CA PRO D 97 26.16 2.91 -2.17
C PRO D 97 25.99 3.80 -0.95
N PHE D 98 25.13 3.39 -0.02
CA PHE D 98 24.72 4.21 1.12
C PHE D 98 25.88 4.77 1.95
N ASP D 99 26.90 3.94 2.15
CA ASP D 99 28.07 4.31 2.95
C ASP D 99 29.07 5.15 2.16
N GLN D 100 28.73 5.49 0.91
CA GLN D 100 29.56 6.38 0.10
C GLN D 100 28.92 7.75 -0.06
N VAL D 101 27.70 7.88 0.44
CA VAL D 101 27.01 9.16 0.37
C VAL D 101 27.73 10.18 1.25
N SER D 102 28.10 11.31 0.65
CA SER D 102 28.67 12.43 1.38
C SER D 102 27.56 13.43 1.65
N GLU D 103 27.79 14.33 2.59
CA GLU D 103 26.81 15.38 2.89
C GLU D 103 26.52 16.24 1.66
N ALA D 104 27.54 16.47 0.83
CA ALA D 104 27.35 17.31 -0.36
C ALA D 104 26.40 16.67 -1.37
N SER D 105 26.67 15.42 -1.72
CA SER D 105 25.80 14.70 -2.65
C SER D 105 24.39 14.56 -2.09
N TYR D 106 24.28 14.35 -0.77
CA TYR D 106 22.98 14.23 -0.12
C TYR D 106 22.21 15.55 -0.25
N ASP D 107 22.85 16.64 0.14
CA ASP D 107 22.21 17.97 0.07
C ASP D 107 21.76 18.33 -1.36
N ARG D 108 22.63 18.09 -2.33
CA ARG D 108 22.37 18.37 -3.74
C ARG D 108 21.04 17.78 -4.21
N GLN D 109 20.84 16.50 -3.95
CA GLN D 109 19.66 15.80 -4.43
C GLN D 109 18.37 16.23 -3.75
N PHE D 110 18.43 16.43 -2.44
CA PHE D 110 17.27 16.93 -1.70
C PHE D 110 16.99 18.42 -2.01
N ALA D 111 18.03 19.17 -2.36
CA ALA D 111 17.87 20.60 -2.71
C ALA D 111 16.97 20.76 -3.93
N VAL D 112 17.21 19.95 -4.95
CA VAL D 112 16.42 19.97 -6.19
C VAL D 112 15.12 19.17 -6.08
N ASN D 113 15.22 17.93 -5.64
CA ASN D 113 14.10 17.00 -5.72
C ASN D 113 12.99 17.19 -4.72
N THR D 114 13.30 17.82 -3.60
CA THR D 114 12.35 17.91 -2.49
C THR D 114 12.14 19.35 -2.03
N LYS D 115 13.18 19.97 -1.50
CA LYS D 115 13.07 21.35 -1.03
C LYS D 115 12.78 22.32 -2.18
N GLY D 116 13.49 22.16 -3.29
CA GLY D 116 13.30 23.05 -4.42
C GLY D 116 11.87 22.96 -4.94
N ALA D 117 11.39 21.73 -5.04
CA ALA D 117 10.02 21.46 -5.47
C ALA D 117 9.00 22.04 -4.49
N PHE D 118 9.24 21.91 -3.19
CA PHE D 118 8.28 22.38 -2.19
C PHE D 118 8.08 23.89 -2.30
N PHE D 119 9.18 24.63 -2.28
CA PHE D 119 9.07 26.08 -2.34
C PHE D 119 8.64 26.62 -3.70
N THR D 120 8.93 25.89 -4.78
CA THR D 120 8.40 26.26 -6.08
C THR D 120 6.88 26.11 -6.06
N VAL D 121 6.40 24.99 -5.52
CA VAL D 121 4.97 24.74 -5.37
C VAL D 121 4.33 25.78 -4.46
N GLN D 122 4.97 26.07 -3.34
CA GLN D 122 4.47 27.10 -2.43
C GLN D 122 4.30 28.46 -3.11
N ARG D 123 5.29 28.88 -3.92
CA ARG D 123 5.21 30.19 -4.59
C ARG D 123 4.17 30.22 -5.73
N LEU D 124 4.08 29.13 -6.48
CA LEU D 124 3.24 29.12 -7.68
C LEU D 124 1.77 28.74 -7.45
N THR D 125 1.48 28.07 -6.32
CA THR D 125 0.12 27.61 -6.01
C THR D 125 -1.01 28.68 -6.02
N PRO D 126 -0.72 29.92 -5.58
CA PRO D 126 -1.78 30.93 -5.70
C PRO D 126 -2.19 31.29 -7.13
N LEU D 127 -1.38 30.94 -8.14
CA LEU D 127 -1.75 31.19 -9.53
C LEU D 127 -2.71 30.13 -10.08
N ILE D 128 -2.89 29.04 -9.33
CA ILE D 128 -3.72 27.93 -9.79
C ILE D 128 -5.22 28.21 -9.69
N ARG D 129 -5.90 28.16 -10.83
CA ARG D 129 -7.33 28.39 -10.88
C ARG D 129 -8.09 27.25 -10.20
N GLU D 130 -9.25 27.55 -9.64
CA GLU D 130 -10.15 26.53 -9.13
C GLU D 130 -10.44 25.52 -10.25
N GLY D 131 -10.35 24.23 -9.94
CA GLY D 131 -10.60 23.20 -10.94
C GLY D 131 -9.30 22.80 -11.61
N GLY D 132 -8.22 23.49 -11.29
CA GLY D 132 -6.92 23.17 -11.85
C GLY D 132 -6.24 22.10 -11.04
N SER D 133 -5.00 21.77 -11.39
CA SER D 133 -4.27 20.75 -10.63
C SER D 133 -2.76 20.90 -10.64
N ILE D 134 -2.13 20.22 -9.69
CA ILE D 134 -0.68 20.02 -9.62
C ILE D 134 -0.42 18.55 -9.93
N VAL D 135 0.52 18.30 -10.85
CA VAL D 135 1.00 16.93 -11.09
C VAL D 135 2.50 16.85 -10.86
N PHE D 136 2.90 15.99 -9.94
CA PHE D 136 4.30 15.76 -9.60
C PHE D 136 4.86 14.59 -10.40
N THR D 137 6.08 14.74 -10.93
CA THR D 137 6.79 13.58 -11.48
C THR D 137 7.63 12.89 -10.39
N SER D 138 7.19 11.70 -9.97
CA SER D 138 7.93 10.92 -8.98
C SER D 138 8.77 9.85 -9.67
N SER D 139 8.70 8.63 -9.16
CA SER D 139 9.56 7.57 -9.66
C SER D 139 9.06 6.27 -9.10
N VAL D 140 9.31 5.17 -9.82
CA VAL D 140 9.10 3.84 -9.23
C VAL D 140 9.95 3.67 -7.96
N ALA D 141 11.03 4.44 -7.86
CA ALA D 141 11.92 4.33 -6.71
C ALA D 141 11.32 4.88 -5.40
N ASP D 142 10.17 5.55 -5.50
CA ASP D 142 9.55 6.17 -4.33
C ASP D 142 8.94 5.18 -3.33
N GLU D 143 8.96 3.88 -3.67
CA GLU D 143 8.58 2.81 -2.73
C GLU D 143 9.57 1.67 -2.88
N GLY D 144 9.95 1.05 -1.77
CA GLY D 144 10.86 -0.09 -1.85
C GLY D 144 12.32 0.31 -1.75
N GLY D 145 13.20 -0.68 -1.84
CA GLY D 145 14.61 -0.44 -1.60
C GLY D 145 15.45 -0.81 -2.80
N HIS D 146 16.10 0.20 -3.39
CA HIS D 146 16.94 -0.01 -4.56
C HIS D 146 18.35 0.46 -4.25
N PRO D 147 19.27 -0.49 -4.02
CA PRO D 147 20.67 -0.18 -3.67
C PRO D 147 21.28 0.87 -4.62
N GLY D 148 21.94 1.87 -4.05
CA GLY D 148 22.60 2.90 -4.84
C GLY D 148 21.70 4.10 -5.08
N MSE D 149 20.47 4.01 -4.58
CA MSE D 149 19.50 5.08 -4.79
CA MSE D 149 19.48 5.05 -4.79
C MSE D 149 18.88 5.53 -3.48
O MSE D 149 17.75 5.98 -3.45
CB MSE D 149 18.39 4.60 -5.72
CB MSE D 149 18.33 4.51 -5.67
CG MSE D 149 18.77 4.49 -7.20
CG MSE D 149 18.65 4.38 -7.15
SE MSE D 149 17.28 3.83 -8.26
SE MSE D 149 17.18 3.58 -8.17
CE MSE D 149 18.06 3.86 -10.05
CE MSE D 149 17.92 3.70 -9.97
N SER D 150 19.65 5.40 -2.39
CA SER D 150 19.12 5.74 -1.08
C SER D 150 18.61 7.18 -1.07
N VAL D 151 19.45 8.10 -1.54
CA VAL D 151 19.09 9.51 -1.52
C VAL D 151 18.00 9.91 -2.52
N TYR D 152 18.16 9.51 -3.78
CA TYR D 152 17.13 9.74 -4.79
C TYR D 152 15.76 9.16 -4.37
N SER D 153 15.70 7.87 -4.07
CA SER D 153 14.43 7.22 -3.70
C SER D 153 13.73 7.95 -2.56
N ALA D 154 14.52 8.30 -1.53
CA ALA D 154 14.02 9.00 -0.36
C ALA D 154 13.55 10.41 -0.67
N SER D 155 14.27 11.12 -1.54
CA SER D 155 13.85 12.46 -1.93
C SER D 155 12.52 12.41 -2.70
N LYS D 156 12.36 11.38 -3.52
CA LYS D 156 11.08 11.17 -4.23
C LYS D 156 9.93 10.69 -3.32
N ALA D 157 10.24 9.88 -2.32
CA ALA D 157 9.22 9.45 -1.38
C ALA D 157 8.67 10.64 -0.59
N ALA D 158 9.54 11.59 -0.27
CA ALA D 158 9.13 12.78 0.47
C ALA D 158 8.19 13.65 -0.38
N LEU D 159 8.55 13.76 -1.67
CA LEU D 159 7.75 14.47 -2.65
C LEU D 159 6.35 13.89 -2.79
N VAL D 160 6.25 12.57 -2.78
CA VAL D 160 4.95 11.90 -2.82
C VAL D 160 4.15 12.21 -1.58
N SER D 161 4.81 12.31 -0.44
CA SER D 161 4.12 12.70 0.79
C SER D 161 3.59 14.12 0.72
N PHE D 162 4.41 15.05 0.20
CA PHE D 162 3.98 16.42 -0.06
C PHE D 162 2.72 16.49 -0.94
N ALA D 163 2.68 15.68 -1.99
CA ALA D 163 1.49 15.61 -2.82
C ALA D 163 0.24 15.25 -2.01
N SER D 164 0.35 14.30 -1.10
CA SER D 164 -0.79 13.91 -0.25
C SER D 164 -1.31 15.03 0.64
N VAL D 165 -0.41 15.70 1.36
CA VAL D 165 -0.82 16.78 2.24
C VAL D 165 -1.33 17.99 1.46
N LEU D 166 -0.67 18.29 0.33
CA LEU D 166 -1.15 19.32 -0.59
C LEU D 166 -2.54 18.95 -1.12
N ALA D 167 -2.79 17.66 -1.37
CA ALA D 167 -4.11 17.26 -1.83
C ALA D 167 -5.14 17.52 -0.75
N ALA D 168 -4.79 17.26 0.51
CA ALA D 168 -5.69 17.55 1.62
C ALA D 168 -5.90 19.05 1.85
N GLU D 169 -4.81 19.80 1.91
CA GLU D 169 -4.92 21.24 2.23
C GLU D 169 -5.53 22.07 1.11
N LEU D 170 -5.43 21.59 -0.13
CA LEU D 170 -5.96 22.33 -1.28
C LEU D 170 -7.41 21.98 -1.66
N LEU D 171 -8.02 21.05 -0.92
CA LEU D 171 -9.44 20.72 -1.16
C LEU D 171 -10.38 21.94 -1.19
N PRO D 172 -10.28 22.86 -0.20
CA PRO D 172 -11.19 24.01 -0.23
C PRO D 172 -11.02 24.88 -1.48
N ARG D 173 -9.84 24.84 -2.09
CA ARG D 173 -9.56 25.65 -3.29
C ARG D 173 -9.93 24.93 -4.60
N GLY D 174 -10.44 23.72 -4.48
CA GLY D 174 -10.80 22.94 -5.66
C GLY D 174 -9.63 22.67 -6.59
N ILE D 175 -8.46 22.43 -6.01
CA ILE D 175 -7.27 22.07 -6.78
C ILE D 175 -6.86 20.63 -6.47
N ARG D 176 -6.83 19.78 -7.50
CA ARG D 176 -6.46 18.38 -7.34
C ARG D 176 -4.94 18.28 -7.35
N VAL D 177 -4.37 17.31 -6.62
CA VAL D 177 -2.93 17.11 -6.55
C VAL D 177 -2.59 15.62 -6.71
N ASN D 178 -1.85 15.29 -7.76
CA ASN D 178 -1.53 13.89 -8.09
C ASN D 178 -0.09 13.66 -8.56
N SER D 179 0.30 12.40 -8.65
CA SER D 179 1.66 12.06 -9.05
C SER D 179 1.70 10.93 -10.08
N VAL D 180 2.64 11.05 -11.02
CA VAL D 180 2.96 9.96 -11.94
C VAL D 180 4.23 9.29 -11.42
N SER D 181 4.29 7.96 -11.54
CA SER D 181 5.43 7.19 -11.04
C SER D 181 6.14 6.41 -12.15
N PRO D 182 7.00 7.09 -12.94
CA PRO D 182 7.61 6.40 -14.08
C PRO D 182 8.69 5.39 -13.68
N GLY D 183 8.78 4.33 -14.47
CA GLY D 183 9.86 3.37 -14.33
C GLY D 183 11.00 3.82 -15.23
N PHE D 184 11.61 2.87 -15.95
CA PHE D 184 12.65 3.20 -16.91
C PHE D 184 12.04 3.83 -18.15
N ILE D 185 12.47 5.05 -18.44
CA ILE D 185 12.01 5.79 -19.60
C ILE D 185 13.21 6.10 -20.49
N ASP D 186 13.07 5.81 -21.78
CA ASP D 186 14.20 5.94 -22.69
C ASP D 186 14.26 7.37 -23.21
N THR D 187 15.26 8.10 -22.73
CA THR D 187 15.42 9.51 -23.02
C THR D 187 16.86 9.83 -22.62
N PRO D 188 17.39 11.01 -22.96
CA PRO D 188 18.73 11.26 -22.43
C PRO D 188 18.75 12.12 -21.17
N THR D 196 26.48 11.00 -19.15
CA THR D 196 27.50 10.12 -19.72
C THR D 196 26.87 8.97 -20.51
N GLU D 197 27.09 8.99 -21.82
CA GLU D 197 26.38 8.13 -22.78
C GLU D 197 26.62 6.63 -22.63
N ALA D 198 27.88 6.22 -22.49
CA ALA D 198 28.23 4.80 -22.52
C ALA D 198 27.63 3.95 -21.40
N GLU D 199 27.18 4.60 -20.33
CA GLU D 199 26.59 3.92 -19.17
C GLU D 199 25.16 4.40 -18.93
N ARG D 200 24.81 5.50 -19.61
CA ARG D 200 23.42 5.87 -19.80
C ARG D 200 22.83 4.74 -20.64
N ALA D 201 23.68 4.17 -21.50
CA ALA D 201 23.36 3.02 -22.32
C ALA D 201 23.21 1.73 -21.51
N GLU D 202 24.11 1.50 -20.56
CA GLU D 202 24.07 0.31 -19.71
C GLU D 202 22.81 0.31 -18.86
N PHE D 203 22.28 1.50 -18.62
CA PHE D 203 21.13 1.69 -17.76
C PHE D 203 19.86 1.27 -18.48
N LYS D 204 19.77 1.64 -19.75
CA LYS D 204 18.59 1.37 -20.56
C LYS D 204 18.41 -0.14 -20.75
N THR D 205 19.53 -0.86 -20.85
CA THR D 205 19.52 -2.31 -20.94
C THR D 205 18.95 -2.95 -19.69
N LEU D 206 19.34 -2.41 -18.53
CA LEU D 206 18.86 -2.90 -17.24
C LEU D 206 17.35 -2.81 -17.19
N GLY D 207 16.84 -1.63 -17.55
CA GLY D 207 15.41 -1.41 -17.64
C GLY D 207 14.73 -2.38 -18.58
N ASP D 208 15.44 -2.77 -19.64
CA ASP D 208 14.89 -3.74 -20.57
C ASP D 208 14.81 -5.13 -19.94
N ASN D 209 15.86 -5.50 -19.20
CA ASN D 209 15.92 -6.83 -18.59
C ASN D 209 14.93 -7.00 -17.45
N ILE D 210 14.77 -5.96 -16.65
CA ILE D 210 14.09 -6.10 -15.36
C ILE D 210 12.64 -5.61 -15.33
N THR D 211 12.28 -4.76 -16.27
CA THR D 211 10.88 -4.33 -16.41
C THR D 211 10.06 -5.51 -16.91
N PRO D 212 8.95 -5.82 -16.23
CA PRO D 212 8.13 -6.98 -16.62
C PRO D 212 7.66 -6.91 -18.08
N MSE D 213 7.39 -5.70 -18.59
CA MSE D 213 6.99 -5.52 -19.98
C MSE D 213 8.19 -5.55 -20.94
O MSE D 213 8.04 -5.47 -22.16
CB MSE D 213 6.16 -4.25 -20.18
CG MSE D 213 4.74 -4.36 -19.63
SE MSE D 213 3.62 -2.80 -20.05
CE MSE D 213 3.76 -2.87 -22.01
N LYS D 214 9.39 -5.67 -20.35
CA LYS D 214 10.62 -5.97 -21.09
C LYS D 214 11.03 -4.86 -22.06
N ARG D 215 10.69 -3.62 -21.74
CA ARG D 215 11.12 -2.47 -22.53
C ARG D 215 11.12 -1.22 -21.67
N ASN D 216 11.70 -0.15 -22.21
CA ASN D 216 11.66 1.17 -21.59
C ASN D 216 10.38 1.88 -22.00
N GLY D 217 9.91 2.79 -21.16
CA GLY D 217 8.79 3.64 -21.52
C GLY D 217 9.24 4.77 -22.43
N THR D 218 8.31 5.38 -23.15
CA THR D 218 8.57 6.59 -23.94
C THR D 218 8.23 7.81 -23.10
N ALA D 219 8.91 8.94 -23.37
CA ALA D 219 8.61 10.19 -22.68
C ALA D 219 7.16 10.61 -22.93
N ASP D 220 6.69 10.33 -24.15
CA ASP D 220 5.32 10.62 -24.51
C ASP D 220 4.28 9.79 -23.71
N GLU D 221 4.64 8.55 -23.37
CA GLU D 221 3.77 7.77 -22.50
C GLU D 221 3.58 8.43 -21.14
N VAL D 222 4.65 9.01 -20.62
CA VAL D 222 4.58 9.71 -19.34
C VAL D 222 3.76 10.97 -19.54
N ALA D 223 4.13 11.73 -20.57
CA ALA D 223 3.35 12.89 -21.00
C ALA D 223 1.84 12.61 -21.02
N ARG D 224 1.43 11.51 -21.64
CA ARG D 224 0.00 11.18 -21.71
C ARG D 224 -0.60 10.97 -20.31
N ALA D 225 0.15 10.31 -19.44
CA ALA D 225 -0.35 10.06 -18.09
C ALA D 225 -0.45 11.37 -17.29
N VAL D 226 0.51 12.25 -17.47
CA VAL D 226 0.47 13.55 -16.80
C VAL D 226 -0.75 14.37 -17.21
N LEU D 227 -1.00 14.45 -18.51
CA LEU D 227 -2.11 15.25 -19.01
C LEU D 227 -3.49 14.63 -18.72
N PHE D 228 -3.56 13.31 -18.62
CA PHE D 228 -4.78 12.66 -18.14
C PHE D 228 -5.16 13.09 -16.71
N LEU D 229 -4.21 12.99 -15.79
CA LEU D 229 -4.44 13.43 -14.41
C LEU D 229 -4.77 14.92 -14.33
N ALA D 230 -4.15 15.70 -15.22
CA ALA D 230 -4.34 17.13 -15.18
C ALA D 230 -5.75 17.51 -15.61
N PHE D 231 -6.20 16.95 -16.73
CA PHE D 231 -7.41 17.46 -17.36
C PHE D 231 -8.63 16.51 -17.39
N GLU D 232 -8.39 15.20 -17.29
CA GLU D 232 -9.49 14.21 -17.34
C GLU D 232 -9.83 13.55 -16.00
N ALA D 233 -8.84 13.38 -15.14
CA ALA D 233 -9.07 12.74 -13.83
C ALA D 233 -9.60 13.76 -12.84
N THR D 234 -10.82 14.22 -13.09
CA THR D 234 -11.39 15.34 -12.34
C THR D 234 -11.99 14.92 -11.01
N PHE D 235 -11.99 13.62 -10.71
CA PHE D 235 -12.46 13.09 -9.41
C PHE D 235 -11.30 12.33 -8.79
N THR D 236 -10.10 12.72 -9.17
CA THR D 236 -8.91 12.07 -8.66
C THR D 236 -7.99 13.10 -7.99
N THR D 237 -7.72 12.89 -6.71
CA THR D 237 -6.77 13.74 -5.98
C THR D 237 -6.05 12.93 -4.90
N GLY D 238 -4.78 13.26 -4.65
CA GLY D 238 -3.96 12.52 -3.70
C GLY D 238 -3.56 11.12 -4.18
N ALA D 239 -3.65 10.88 -5.49
CA ALA D 239 -3.41 9.57 -6.06
C ALA D 239 -2.08 9.50 -6.79
N LYS D 240 -1.66 8.28 -7.11
CA LYS D 240 -0.40 8.02 -7.82
C LYS D 240 -0.70 7.17 -9.07
N LEU D 241 -0.05 7.47 -10.19
CA LEU D 241 -0.27 6.68 -11.39
C LEU D 241 1.01 6.07 -11.98
N ALA D 242 1.08 4.75 -11.99
CA ALA D 242 2.25 4.03 -12.50
C ALA D 242 2.43 4.07 -14.03
N VAL D 243 3.62 4.47 -14.46
CA VAL D 243 4.05 4.35 -15.86
C VAL D 243 5.41 3.66 -15.84
N ASP D 244 5.38 2.36 -15.53
CA ASP D 244 6.59 1.64 -15.17
C ASP D 244 6.73 0.25 -15.80
N GLY D 245 5.87 -0.08 -16.76
CA GLY D 245 5.92 -1.38 -17.40
C GLY D 245 5.66 -2.53 -16.43
N GLY D 246 5.05 -2.20 -15.30
CA GLY D 246 4.74 -3.17 -14.25
C GLY D 246 5.79 -3.25 -13.16
N LEU D 247 6.82 -2.42 -13.26
CA LEU D 247 7.99 -2.56 -12.37
C LEU D 247 7.67 -2.36 -10.89
N GLY D 248 6.79 -1.43 -10.57
CA GLY D 248 6.51 -1.16 -9.16
C GLY D 248 5.33 -1.96 -8.65
N GLN D 249 4.83 -2.89 -9.46
CA GLN D 249 3.52 -3.52 -9.21
C GLN D 249 3.57 -4.95 -8.68
N LYS D 250 4.73 -5.39 -8.23
CA LYS D 250 4.90 -6.69 -7.59
C LYS D 250 4.50 -7.86 -8.48
N LEU D 251 4.98 -7.82 -9.73
CA LEU D 251 4.75 -8.89 -10.70
C LEU D 251 5.97 -9.80 -10.80
N SER D 252 5.80 -11.09 -10.55
CA SER D 252 6.87 -12.06 -10.81
C SER D 252 6.98 -12.35 -12.30
PA NAP E . -1.05 -25.98 5.17
O1A NAP E . -1.50 -24.71 4.50
O2A NAP E . -0.77 -27.24 4.40
O5B NAP E . -2.19 -26.36 6.24
C5B NAP E . -2.30 -25.59 7.42
C4B NAP E . -3.35 -26.22 8.32
O4B NAP E . -4.61 -26.18 7.68
C3B NAP E . -3.06 -27.69 8.53
O3B NAP E . -3.09 -27.89 9.95
C2B NAP E . -4.21 -28.46 7.89
O2B NAP E . -4.61 -29.59 8.66
C1B NAP E . -5.30 -27.40 7.90
N9A NAP E . -6.39 -27.63 6.91
C8A NAP E . -6.29 -27.78 5.57
N7A NAP E . -7.53 -27.97 5.03
C5A NAP E . -8.44 -27.93 6.03
C6A NAP E . -9.91 -28.05 6.14
N6A NAP E . -10.70 -28.27 5.05
N1A NAP E . -10.44 -27.95 7.39
C2A NAP E . -9.69 -27.74 8.49
N3A NAP E . -8.35 -27.62 8.46
C4A NAP E . -7.69 -27.71 7.27
O3 NAP E . 0.19 -25.75 6.20
PN NAP E . 1.27 -24.55 6.25
O1N NAP E . 2.28 -24.71 5.13
O2N NAP E . 1.76 -24.47 7.70
O5D NAP E . 0.36 -23.27 5.94
C5D NAP E . -0.23 -22.50 7.00
C4D NAP E . -0.96 -21.32 6.36
O4D NAP E . 0.01 -20.45 5.77
C3D NAP E . -1.85 -21.76 5.21
O3D NAP E . -2.99 -20.92 5.27
C2D NAP E . -1.05 -21.47 3.96
O2D NAP E . -1.91 -21.26 2.84
C1D NAP E . -0.27 -20.24 4.38
N1N NAP E . 1.04 -20.02 3.76
C2N NAP E . 1.97 -20.98 3.78
C3N NAP E . 3.23 -20.73 3.22
C7N NAP E . 4.31 -21.75 3.20
O7N NAP E . 5.34 -21.44 2.62
N7N NAP E . 4.14 -22.92 3.84
C4N NAP E . 3.50 -19.48 2.66
C5N NAP E . 2.54 -18.49 2.68
C6N NAP E . 1.30 -18.79 3.25
P2B NAP E . -4.75 -31.07 8.03
O1X NAP E . -4.39 -31.99 9.17
O2X NAP E . -3.74 -31.08 6.89
O3X NAP E . -6.19 -31.21 7.57
PA NAP F . 9.77 13.32 20.88
O1A NAP F . 9.54 13.08 19.40
O2A NAP F . 9.36 14.67 21.44
O5B NAP F . 11.32 13.07 21.22
C5B NAP F . 11.93 11.82 20.91
C4B NAP F . 13.38 11.78 21.37
O4B NAP F . 14.24 12.41 20.39
C3B NAP F . 13.54 12.54 22.68
O3B NAP F . 14.27 11.69 23.56
C2B NAP F . 14.37 13.76 22.33
O2B NAP F . 15.29 14.09 23.36
C1B NAP F . 15.12 13.30 21.09
N9A NAP F . 15.58 14.43 20.25
C8A NAP F . 14.90 15.52 19.84
N7A NAP F . 15.70 16.34 19.10
C5A NAP F . 16.93 15.77 19.04
C6A NAP F . 18.23 16.11 18.43
N6A NAP F . 18.41 17.26 17.70
N1A NAP F . 19.25 15.23 18.62
C2A NAP F . 19.10 14.11 19.34
N3A NAP F . 17.95 13.74 19.92
C4A NAP F . 16.85 14.52 19.81
O3 NAP F . 9.12 12.19 21.82
PN NAP F . 7.94 11.16 21.37
O1N NAP F . 6.65 11.94 21.36
O2N NAP F . 8.08 9.89 22.17
O5D NAP F . 8.33 10.81 19.85
C5D NAP F . 9.20 9.72 19.52
C4D NAP F . 9.24 9.55 18.00
O4D NAP F . 7.96 9.08 17.56
C3D NAP F . 9.49 10.87 17.29
O3D NAP F . 10.26 10.61 16.13
C2D NAP F . 8.11 11.33 16.88
O2D NAP F . 8.15 12.23 15.77
C1D NAP F . 7.42 10.00 16.59
N1N NAP F . 5.96 10.04 16.75
C2N NAP F . 5.42 10.41 17.92
C3N NAP F . 4.03 10.43 18.07
C7N NAP F . 3.37 10.83 19.36
O7N NAP F . 2.15 10.71 19.46
N7N NAP F . 4.12 11.27 20.38
C4N NAP F . 3.23 10.05 17.00
C5N NAP F . 3.81 9.66 15.80
C6N NAP F . 5.20 9.66 15.71
P2B NAP F . 15.45 15.58 24.00
O1X NAP F . 16.00 15.29 25.39
O2X NAP F . 14.08 16.19 24.04
O3X NAP F . 16.40 16.29 23.06
C1 GOL G . -0.57 11.74 14.39
O1 GOL G . -0.66 12.53 13.19
C2 GOL G . 0.85 11.69 14.92
O2 GOL G . 1.79 11.72 13.84
C3 GOL G . 1.11 12.88 15.84
O3 GOL G . 2.51 13.07 16.08
PA NAP H . -24.91 -1.30 -10.60
O1A NAP H . -25.48 -2.47 -9.84
O2A NAP H . -25.55 0.06 -10.50
O5B NAP H . -24.72 -1.70 -12.15
C5B NAP H . -23.75 -2.69 -12.48
C4B NAP H . -23.88 -3.19 -13.90
O4B NAP H . -23.50 -4.57 -13.86
C3B NAP H . -25.30 -3.13 -14.40
O3B NAP H . -25.32 -2.81 -15.79
C2B NAP H . -25.82 -4.55 -14.23
O2B NAP H . -26.78 -4.93 -15.21
C1B NAP H . -24.57 -5.39 -14.36
N9A NAP H . -24.81 -6.64 -13.62
C8A NAP H . -25.21 -6.76 -12.34
N7A NAP H . -25.37 -8.06 -12.00
C5A NAP H . -25.10 -8.81 -13.09
C6A NAP H . -25.05 -10.26 -13.41
N6A NAP H . -25.37 -11.19 -12.46
N1A NAP H . -24.70 -10.61 -14.67
C2A NAP H . -24.39 -9.70 -15.61
N3A NAP H . -24.39 -8.36 -15.38
C4A NAP H . -24.73 -7.88 -14.16
O3 NAP H . -23.38 -1.11 -10.17
PN NAP H . -22.70 0.31 -10.44
O1N NAP H . -23.12 1.22 -9.31
O2N NAP H . -22.91 0.71 -11.89
O5D NAP H . -21.15 -0.05 -10.22
C5D NAP H . -20.23 -0.36 -11.25
C4D NAP H . -19.08 -1.00 -10.49
O4D NAP H . -18.53 -0.05 -9.56
C3D NAP H . -19.61 -2.17 -9.72
O3D NAP H . -18.79 -3.33 -9.95
C2D NAP H . -19.56 -1.74 -8.26
O2D NAP H . -19.17 -2.85 -7.44
C1D NAP H . -18.58 -0.57 -8.21
N1N NAP H . -18.92 0.48 -7.21
C2N NAP H . -19.84 1.42 -7.46
C3N NAP H . -20.15 2.41 -6.50
C7N NAP H . -21.19 3.48 -6.77
O7N NAP H . -21.38 4.35 -5.94
N7N NAP H . -21.87 3.46 -7.91
C4N NAP H . -19.49 2.40 -5.29
C5N NAP H . -18.54 1.41 -5.04
C6N NAP H . -18.28 0.48 -6.03
P2B NAP H . -28.36 -4.69 -14.98
O1X NAP H . -28.98 -5.37 -16.17
O2X NAP H . -28.48 -3.18 -15.00
O3X NAP H . -28.68 -5.29 -13.64
C1 GOL I . -24.37 0.74 -4.99
O1 GOL I . -24.94 1.85 -5.69
C2 GOL I . -23.53 -0.10 -5.95
O2 GOL I . -22.16 0.24 -5.79
C3 GOL I . -23.73 -1.59 -5.64
O3 GOL I . -23.02 -2.43 -6.56
PA NAP J . 16.14 14.11 -16.27
O1A NAP J . 15.77 13.69 -14.87
O2A NAP J . 17.58 14.04 -16.72
O5B NAP J . 15.63 15.62 -16.49
C5B NAP J . 15.26 16.42 -15.37
C4B NAP J . 14.68 17.73 -15.87
O4B NAP J . 14.75 18.69 -14.82
C3B NAP J . 15.47 18.29 -17.03
O3B NAP J . 14.52 18.92 -17.89
C2B NAP J . 16.36 19.37 -16.43
O2B NAP J . 16.60 20.43 -17.36
C1B NAP J . 15.50 19.83 -15.26
N9A NAP J . 16.28 20.35 -14.11
C8A NAP J . 17.25 19.72 -13.43
N7A NAP J . 17.72 20.52 -12.42
C5A NAP J . 17.02 21.67 -12.46
C6A NAP J . 16.98 22.94 -11.70
N6A NAP J . 17.84 23.14 -10.65
N1A NAP J . 16.09 23.88 -12.09
C2A NAP J . 15.25 23.69 -13.13
N3A NAP J . 15.22 22.56 -13.86
C4A NAP J . 16.07 21.55 -13.58
O3 NAP J . 15.25 13.26 -17.32
PN NAP J . 13.65 13.43 -17.47
O1N NAP J . 13.15 12.39 -18.45
O2N NAP J . 13.31 14.87 -17.73
O5D NAP J . 13.11 13.05 -15.99
C5D NAP J . 12.15 13.90 -15.37
C4D NAP J . 11.69 13.41 -13.99
O4D NAP J . 11.31 12.03 -14.02
C3D NAP J . 12.73 13.58 -12.89
O3D NAP J . 12.14 14.30 -11.82
C2D NAP J . 13.01 12.16 -12.44
O2D NAP J . 13.21 12.12 -11.03
C1D NAP J . 11.78 11.38 -12.84
N1N NAP J . 12.07 9.96 -13.12
C2N NAP J . 12.81 9.62 -14.17
C3N NAP J . 13.09 8.29 -14.46
C7N NAP J . 13.93 7.95 -15.65
O7N NAP J . 13.81 6.85 -16.18
N7N NAP J . 14.80 8.86 -16.11
C4N NAP J . 12.57 7.29 -13.64
C5N NAP J . 11.79 7.65 -12.55
C6N NAP J . 11.55 9.01 -12.32
P2B NAP J . 18.09 20.88 -17.76
O1X NAP J . 17.92 21.68 -19.04
O2X NAP J . 18.84 19.58 -17.95
O3X NAP J . 18.57 21.71 -16.59
#